data_3B9B
#
_entry.id   3B9B
#
_cell.length_a   57.600
_cell.length_b   114.600
_cell.length_c   229.300
_cell.angle_alpha   90.000
_cell.angle_beta   90.000
_cell.angle_gamma   90.000
#
_symmetry.space_group_name_H-M   'P 21 21 21'
#
loop_
_entity.id
_entity.type
_entity.pdbx_description
1 polymer 'Sarcoplasmic/endoplasmic reticulum calcium ATPase 1'
2 non-polymer 'SODIUM ION'
3 non-polymer 'MAGNESIUM ION'
4 non-polymer 'BERYLLIUM TRIFLUORIDE ION'
5 water water
#
_entity_poly.entity_id   1
_entity_poly.type   'polypeptide(L)'
_entity_poly.pdbx_seq_one_letter_code
;MEAAHSKSTEECLAYFGVSETTGLTPDQVKRHLEKYGHNELPAEEGKSLWELVIEQFEDLLVRILLLAACISFVLAWFEE
GEETITAFVEPFVILLILIANAIVGVWQERNAENAIEALKEYEPEMGKVYRADRKSVQRIKARDIVPGDIVEVAVGDKVP
ADIRILSIKSTTLRVDQSILTGESVSVIKHTEPVPDPRAVNQDKKNMLFSGTNIAAGKALGIVATTGVSTEIGKIRDQMA
ATEQDKTPLQQKLDEFGEQLSKVISLICVAVWLINIGHFNDPVHGGSWIRGAIYYFKIAVALAVAAIPEGLPAVITTCLA
LGTRRMAKKNAIVRSLPSVETLGCTSVICSDKTGTLTTNQMSVCKMFIIDKVDGDFCSLNEFSITGSTYAPEGEVLKNDK
PIRSGQFDGLVELATICALCNDSSLDFNETKGVYEKVGEATETALTTLVEKMNVFNTEVRNLSKVERANACNSVIRQLMK
KEFTLEFSRDRKSMSVYCSPAKSSRAAVGNKMFVKGAPEGVIDRCNYVRVGTTRVPMTGPVKEKILSVIKEWGTGRDTLR
CLALATRDTPPKREEMVLDDSSRFMEYETDLTFVGVVGMLDPPRKEVMGSIQLCRDAGIRVIMITGDNKGTAIAICRRIG
IFGENEEVADRAYTGREFDDLPLAEQREACRRACCFARVEPSHKSKIVEYLQSYDEITAMTGDGVNDAPALKKAEIGIAM
GSGTAVAKTASEMVLADDNFSTIVAAVEEGRAIYNNMKQFIRYLISSNVGEVVCIFLTAALGLPEALIPVQLLWVNLVTD
GLPATALGFNPPDLDIMDRPPRSPKEPLISGWLFFRYMAIGGYVGAATVGAAAWWFMYAEDGPGVTYHQLTHFMQCTEDH
PHFEGLDCEIFEAPEPMTMALSVLVTIEMCNALNSLSENQSLMRMPPWVNIWLLGSICLSMSLHFLILYVDPLPMIFKLK
ALDLTQWLMVLKISLPVIGLDEILKFIARNYLEG
;
_entity_poly.pdbx_strand_id   A
#
# COMPACT_ATOMS: atom_id res chain seq x y z
N MET A 1 12.82 19.81 -28.80
CA MET A 1 12.68 21.26 -28.68
C MET A 1 12.53 21.75 -27.23
N GLU A 2 13.40 22.68 -26.85
CA GLU A 2 13.42 23.25 -25.51
C GLU A 2 12.30 24.27 -25.28
N ALA A 3 11.51 24.03 -24.24
CA ALA A 3 10.46 24.99 -23.85
C ALA A 3 9.67 25.48 -25.05
N ALA A 4 9.03 24.54 -25.75
CA ALA A 4 8.18 24.90 -26.88
C ALA A 4 7.06 25.80 -26.37
N HIS A 5 6.69 25.61 -25.10
CA HIS A 5 5.61 26.37 -24.49
C HIS A 5 5.90 27.87 -24.43
N SER A 6 7.17 28.22 -24.35
CA SER A 6 7.55 29.63 -24.24
C SER A 6 7.68 30.26 -25.62
N LYS A 7 7.64 29.42 -26.65
CA LYS A 7 7.78 29.88 -28.02
C LYS A 7 6.45 30.27 -28.67
N SER A 8 6.41 30.23 -29.99
CA SER A 8 5.20 30.50 -30.75
C SER A 8 4.96 29.35 -31.71
N THR A 9 3.80 29.35 -32.35
CA THR A 9 3.53 28.35 -33.36
C THR A 9 4.61 28.43 -34.43
N GLU A 10 4.80 29.61 -35.00
CA GLU A 10 5.82 29.83 -36.01
C GLU A 10 7.22 29.47 -35.53
N GLU A 11 7.62 30.04 -34.40
CA GLU A 11 8.94 29.74 -33.81
C GLU A 11 9.16 28.24 -33.75
N CYS A 12 8.07 27.48 -33.61
CA CYS A 12 8.17 26.04 -33.44
C CYS A 12 8.25 25.29 -34.76
N LEU A 13 7.40 25.69 -35.70
CA LEU A 13 7.49 25.19 -37.06
C LEU A 13 8.87 25.50 -37.60
N ALA A 14 9.21 26.79 -37.56
CA ALA A 14 10.54 27.24 -37.96
C ALA A 14 11.62 26.32 -37.40
N TYR A 15 11.67 26.19 -36.08
CA TYR A 15 12.69 25.40 -35.42
C TYR A 15 12.93 24.04 -36.06
N PHE A 16 11.87 23.36 -36.46
CA PHE A 16 11.98 22.05 -37.10
C PHE A 16 11.95 22.16 -38.62
N GLY A 17 11.60 23.36 -39.11
CA GLY A 17 11.52 23.63 -40.53
C GLY A 17 10.50 22.79 -41.26
N VAL A 18 9.24 22.86 -40.81
CA VAL A 18 8.19 21.97 -41.29
C VAL A 18 6.95 22.73 -41.74
N SER A 19 6.08 22.03 -42.46
CA SER A 19 4.80 22.60 -42.87
C SER A 19 3.67 22.10 -41.97
N GLU A 20 2.89 23.03 -41.41
CA GLU A 20 1.70 22.67 -40.64
C GLU A 20 0.72 22.00 -41.60
N THR A 21 1.02 22.15 -42.88
CA THR A 21 0.14 21.74 -43.95
C THR A 21 0.45 20.35 -44.50
N THR A 22 1.74 20.03 -44.67
CA THR A 22 2.11 18.72 -45.21
C THR A 22 2.66 17.79 -44.15
N GLY A 23 3.45 18.36 -43.25
CA GLY A 23 4.13 17.57 -42.24
C GLY A 23 5.56 17.22 -42.61
N LEU A 24 6.22 16.43 -41.78
CA LEU A 24 7.59 16.05 -42.05
C LEU A 24 7.68 15.22 -43.31
N THR A 25 8.88 15.13 -43.86
CA THR A 25 9.15 14.33 -45.04
C THR A 25 9.84 13.07 -44.54
N PRO A 26 9.79 11.99 -45.32
CA PRO A 26 10.35 10.73 -44.81
C PRO A 26 11.84 10.88 -44.52
N ASP A 27 12.47 11.85 -45.18
CA ASP A 27 13.89 12.11 -44.95
C ASP A 27 14.04 12.81 -43.62
N GLN A 28 13.15 13.77 -43.36
CA GLN A 28 13.07 14.42 -42.07
C GLN A 28 12.77 13.39 -40.99
N VAL A 29 11.81 12.51 -41.25
CA VAL A 29 11.52 11.42 -40.32
C VAL A 29 12.79 10.64 -40.06
N LYS A 30 13.38 10.13 -41.13
CA LYS A 30 14.58 9.29 -41.06
C LYS A 30 15.63 9.87 -40.09
N ARG A 31 15.98 11.13 -40.33
CA ARG A 31 16.93 11.86 -39.50
C ARG A 31 16.42 12.04 -38.09
N HIS A 32 15.37 12.85 -37.95
CA HIS A 32 14.68 13.07 -36.68
C HIS A 32 14.64 11.80 -35.84
N LEU A 33 14.38 10.66 -36.49
CA LEU A 33 14.30 9.39 -35.79
C LEU A 33 15.67 8.98 -35.22
N GLU A 34 16.71 9.08 -36.05
CA GLU A 34 18.03 8.63 -35.62
C GLU A 34 18.67 9.61 -34.61
N LYS A 35 18.33 10.89 -34.74
CA LYS A 35 18.81 11.90 -33.79
C LYS A 35 18.15 11.78 -32.40
N TYR A 36 16.87 11.43 -32.38
CA TYR A 36 16.08 11.48 -31.16
C TYR A 36 15.72 10.10 -30.61
N GLY A 37 15.62 9.10 -31.48
CA GLY A 37 15.28 7.76 -31.02
C GLY A 37 13.78 7.52 -31.00
N HIS A 38 13.36 6.37 -30.47
CA HIS A 38 11.94 6.01 -30.53
C HIS A 38 11.13 6.50 -29.34
N ASN A 39 10.13 7.33 -29.61
CA ASN A 39 9.24 7.82 -28.56
C ASN A 39 8.74 6.68 -27.70
N GLU A 40 9.52 6.33 -26.69
CA GLU A 40 9.16 5.26 -25.77
C GLU A 40 10.15 5.23 -24.60
N LEU A 41 9.89 4.38 -23.63
CA LEU A 41 10.80 4.21 -22.50
C LEU A 41 11.68 3.00 -22.72
N PRO A 42 12.82 2.95 -22.02
CA PRO A 42 13.71 1.79 -22.07
C PRO A 42 13.04 0.58 -21.46
N ALA A 43 13.43 -0.62 -21.89
CA ALA A 43 12.86 -1.83 -21.33
C ALA A 43 12.83 -1.76 -19.80
N GLU A 44 11.66 -1.95 -19.22
CA GLU A 44 11.54 -1.93 -17.77
C GLU A 44 12.69 -2.73 -17.16
N GLU A 45 13.29 -2.17 -16.11
CA GLU A 45 14.37 -2.86 -15.42
C GLU A 45 13.80 -4.09 -14.72
N GLY A 46 12.52 -4.35 -14.96
CA GLY A 46 11.82 -5.47 -14.36
C GLY A 46 12.27 -6.82 -14.91
N LYS A 47 13.47 -7.24 -14.51
CA LYS A 47 13.90 -8.61 -14.69
C LYS A 47 14.95 -8.97 -13.64
N SER A 48 14.46 -9.43 -12.50
CA SER A 48 15.31 -9.81 -11.39
C SER A 48 15.85 -11.22 -11.61
N LEU A 49 17.17 -11.36 -11.58
CA LEU A 49 17.79 -12.66 -11.79
C LEU A 49 17.64 -13.55 -10.56
N TRP A 50 17.85 -14.85 -10.75
CA TRP A 50 17.78 -15.79 -9.65
C TRP A 50 18.95 -15.59 -8.69
N GLU A 51 19.85 -14.68 -9.06
CA GLU A 51 20.91 -14.28 -8.15
C GLU A 51 20.40 -13.13 -7.29
N LEU A 52 19.14 -12.77 -7.50
CA LEU A 52 18.44 -11.91 -6.56
C LEU A 52 17.91 -12.76 -5.42
N VAL A 53 18.17 -14.06 -5.52
CA VAL A 53 18.03 -14.96 -4.39
C VAL A 53 19.11 -14.58 -3.39
N ILE A 54 20.15 -13.91 -3.88
CA ILE A 54 21.23 -13.39 -3.04
C ILE A 54 20.85 -12.04 -2.42
N GLU A 55 19.59 -11.65 -2.61
CA GLU A 55 19.03 -10.51 -1.90
C GLU A 55 18.23 -11.01 -0.70
N GLN A 56 17.79 -12.27 -0.80
CA GLN A 56 17.15 -12.94 0.32
C GLN A 56 18.22 -13.27 1.35
N PHE A 57 19.48 -13.13 0.92
CA PHE A 57 20.63 -13.35 1.80
C PHE A 57 21.38 -12.06 2.12
N GLU A 58 20.64 -11.01 2.44
CA GLU A 58 21.23 -9.77 2.95
C GLU A 58 20.78 -9.60 4.39
N ASP A 59 19.87 -10.46 4.82
CA ASP A 59 19.41 -10.47 6.20
C ASP A 59 20.55 -10.93 7.10
N LEU A 60 21.02 -10.06 7.98
CA LEU A 60 22.09 -10.43 8.89
C LEU A 60 21.78 -11.71 9.65
N LEU A 61 20.50 -12.03 9.81
CA LEU A 61 20.14 -13.24 10.54
C LEU A 61 20.47 -14.50 9.76
N VAL A 62 20.31 -14.47 8.43
CA VAL A 62 20.69 -15.60 7.62
C VAL A 62 22.20 -15.63 7.45
N ARG A 63 22.80 -14.47 7.16
CA ARG A 63 24.25 -14.37 7.07
C ARG A 63 24.87 -15.01 8.32
N ILE A 64 24.46 -14.51 9.49
CA ILE A 64 24.86 -15.07 10.78
C ILE A 64 24.77 -16.60 10.80
N LEU A 65 23.63 -17.12 10.36
CA LEU A 65 23.36 -18.55 10.48
C LEU A 65 24.12 -19.31 9.40
N LEU A 66 24.48 -18.61 8.33
CA LEU A 66 25.21 -19.25 7.25
C LEU A 66 26.67 -19.40 7.67
N LEU A 67 27.15 -18.44 8.45
CA LEU A 67 28.49 -18.50 9.02
C LEU A 67 28.56 -19.66 10.00
N ALA A 68 27.59 -19.74 10.89
CA ALA A 68 27.50 -20.81 11.86
C ALA A 68 27.26 -22.17 11.19
N ALA A 69 26.83 -22.14 9.93
CA ALA A 69 26.59 -23.37 9.18
C ALA A 69 27.82 -23.78 8.41
N CYS A 70 28.67 -22.81 8.10
CA CYS A 70 29.96 -23.07 7.46
C CYS A 70 31.08 -23.21 8.49
N ILE A 71 30.93 -22.57 9.65
CA ILE A 71 31.86 -22.75 10.75
C ILE A 71 31.66 -24.14 11.34
N SER A 72 30.44 -24.66 11.25
CA SER A 72 30.15 -26.02 11.67
C SER A 72 30.79 -27.02 10.71
N PHE A 73 30.64 -26.77 9.41
CA PHE A 73 31.19 -27.65 8.39
C PHE A 73 32.72 -27.66 8.40
N VAL A 74 33.32 -26.49 8.57
CA VAL A 74 34.78 -26.39 8.62
C VAL A 74 35.32 -26.88 9.95
N LEU A 75 34.44 -27.09 10.92
CA LEU A 75 34.81 -27.59 12.24
C LEU A 75 34.24 -28.98 12.43
N ALA A 76 33.68 -29.54 11.36
CA ALA A 76 33.14 -30.88 11.41
C ALA A 76 33.90 -31.82 10.48
N TRP A 77 34.31 -31.29 9.33
CA TRP A 77 35.04 -32.08 8.35
C TRP A 77 36.44 -32.43 8.84
N PHE A 78 36.82 -33.69 8.69
CA PHE A 78 38.15 -34.19 9.02
C PHE A 78 38.64 -33.90 10.45
N GLU A 79 37.75 -33.51 11.34
CA GLU A 79 38.18 -33.16 12.70
C GLU A 79 38.44 -34.38 13.57
N GLU A 80 38.09 -35.56 13.07
CA GLU A 80 38.41 -36.82 13.73
C GLU A 80 38.32 -37.96 12.73
N GLY A 81 39.45 -38.30 12.11
CA GLY A 81 39.50 -39.33 11.07
C GLY A 81 38.47 -40.44 11.21
N GLU A 82 38.14 -40.77 12.44
CA GLU A 82 37.15 -41.79 12.77
C GLU A 82 35.74 -41.18 12.86
N GLU A 83 35.33 -40.49 11.80
CA GLU A 83 34.01 -39.85 11.77
C GLU A 83 33.05 -40.54 10.82
N THR A 84 31.86 -40.87 11.33
CA THR A 84 30.81 -41.44 10.51
C THR A 84 29.96 -40.33 9.91
N ILE A 85 29.89 -40.29 8.59
CA ILE A 85 29.24 -39.19 7.86
C ILE A 85 27.73 -39.06 8.12
N THR A 86 27.37 -38.82 9.39
CA THR A 86 25.97 -38.61 9.77
C THR A 86 25.88 -37.59 10.91
N ALA A 87 27.00 -36.95 11.22
CA ALA A 87 27.02 -35.86 12.20
C ALA A 87 27.08 -34.51 11.49
N PHE A 88 27.14 -34.55 10.16
CA PHE A 88 27.20 -33.34 9.34
C PHE A 88 25.81 -32.83 9.00
N VAL A 89 24.78 -33.56 9.41
CA VAL A 89 23.42 -33.24 8.97
C VAL A 89 22.82 -32.02 9.67
N GLU A 90 23.63 -31.30 10.44
CA GLU A 90 23.18 -30.02 10.94
C GLU A 90 23.38 -28.97 9.86
N PRO A 91 24.63 -28.69 9.48
CA PRO A 91 24.88 -27.69 8.45
C PRO A 91 24.12 -28.01 7.17
N PHE A 92 23.90 -29.30 6.92
CA PHE A 92 23.18 -29.71 5.72
C PHE A 92 21.70 -29.34 5.79
N VAL A 93 21.05 -29.62 6.92
CA VAL A 93 19.64 -29.24 7.07
C VAL A 93 19.48 -27.72 7.27
N ILE A 94 20.50 -27.07 7.79
CA ILE A 94 20.51 -25.62 7.85
C ILE A 94 20.47 -25.09 6.43
N LEU A 95 21.24 -25.72 5.54
CA LEU A 95 21.20 -25.35 4.14
C LEU A 95 19.78 -25.45 3.60
N LEU A 96 19.23 -26.66 3.61
CA LEU A 96 17.91 -26.90 3.06
C LEU A 96 16.85 -25.97 3.65
N ILE A 97 17.07 -25.52 4.89
CA ILE A 97 16.15 -24.57 5.50
C ILE A 97 16.33 -23.18 4.88
N LEU A 98 17.54 -22.64 4.94
CA LEU A 98 17.81 -21.31 4.39
C LEU A 98 17.54 -21.24 2.90
N ILE A 99 17.94 -22.26 2.17
CA ILE A 99 17.65 -22.35 0.75
C ILE A 99 16.15 -22.13 0.53
N ALA A 100 15.36 -22.89 1.29
CA ALA A 100 13.91 -22.80 1.21
C ALA A 100 13.39 -21.41 1.61
N ASN A 101 13.73 -20.99 2.82
CA ASN A 101 13.31 -19.70 3.35
C ASN A 101 13.68 -18.54 2.42
N ALA A 102 14.89 -18.58 1.88
CA ALA A 102 15.34 -17.55 0.96
C ALA A 102 14.59 -17.63 -0.36
N ILE A 103 13.76 -18.65 -0.50
CA ILE A 103 13.03 -18.90 -1.74
C ILE A 103 11.55 -18.54 -1.62
N VAL A 104 10.90 -19.01 -0.56
CA VAL A 104 9.54 -18.58 -0.27
C VAL A 104 9.54 -17.06 -0.21
N GLY A 105 10.72 -16.49 0.00
CA GLY A 105 10.88 -15.06 -0.12
C GLY A 105 10.68 -14.60 -1.56
N VAL A 106 11.46 -15.16 -2.48
CA VAL A 106 11.37 -14.77 -3.89
C VAL A 106 10.06 -15.19 -4.52
N TRP A 107 9.34 -16.11 -3.87
CA TRP A 107 8.05 -16.54 -4.37
C TRP A 107 7.06 -15.39 -4.33
N GLN A 108 6.97 -14.73 -3.17
CA GLN A 108 6.07 -13.59 -2.98
C GLN A 108 6.44 -12.40 -3.86
N GLU A 109 7.72 -12.27 -4.17
CA GLU A 109 8.20 -11.16 -4.98
C GLU A 109 7.61 -11.17 -6.40
N ARG A 110 7.51 -12.35 -6.99
CA ARG A 110 7.00 -12.50 -8.34
C ARG A 110 5.52 -12.88 -8.32
N ASN A 111 5.11 -13.58 -7.27
CA ASN A 111 3.71 -13.82 -7.02
C ASN A 111 2.99 -12.48 -6.95
N ALA A 112 3.66 -11.48 -6.37
CA ALA A 112 3.15 -10.13 -6.30
C ALA A 112 3.22 -9.44 -7.65
N GLU A 113 4.42 -9.44 -8.23
CA GLU A 113 4.66 -8.73 -9.47
C GLU A 113 3.60 -9.02 -10.51
N ASN A 114 3.21 -10.29 -10.65
CA ASN A 114 2.29 -10.63 -11.72
C ASN A 114 0.83 -10.63 -11.29
N ALA A 115 0.58 -10.32 -10.02
CA ALA A 115 -0.76 -9.97 -9.59
C ALA A 115 -1.00 -8.51 -9.96
N ILE A 116 -0.09 -7.65 -9.49
CA ILE A 116 -0.07 -6.25 -9.87
C ILE A 116 -0.06 -6.09 -11.39
N GLU A 117 0.74 -6.92 -12.06
CA GLU A 117 0.86 -6.86 -13.51
C GLU A 117 -0.44 -7.24 -14.18
N ALA A 118 -1.20 -8.11 -13.53
CA ALA A 118 -2.46 -8.56 -14.08
C ALA A 118 -3.44 -7.40 -14.25
N LEU A 119 -3.15 -6.28 -13.58
CA LEU A 119 -4.03 -5.12 -13.53
C LEU A 119 -3.91 -4.15 -14.71
N LYS A 120 -3.01 -4.44 -15.66
CA LYS A 120 -2.85 -3.56 -16.82
C LYS A 120 -3.52 -4.07 -18.12
N GLU A 121 -3.87 -3.09 -18.97
CA GLU A 121 -4.49 -3.23 -20.28
C GLU A 121 -3.68 -2.12 -20.95
N TYR A 122 -3.40 -2.08 -22.26
CA TYR A 122 -3.76 -3.00 -23.36
C TYR A 122 -2.46 -3.64 -23.87
N GLU A 123 -2.42 -3.99 -25.17
CA GLU A 123 -1.14 -4.42 -25.78
C GLU A 123 -0.29 -3.29 -26.43
N PRO A 124 -0.82 -2.57 -27.45
CA PRO A 124 -0.10 -1.36 -27.89
C PRO A 124 -0.98 -0.09 -27.96
N GLU A 125 -0.31 1.05 -28.13
CA GLU A 125 -0.98 2.33 -28.28
C GLU A 125 -0.39 3.09 -29.45
N MET A 126 -1.20 3.97 -30.04
CA MET A 126 -0.87 4.57 -31.33
C MET A 126 -1.32 6.02 -31.46
N GLY A 127 -0.93 6.66 -32.56
CA GLY A 127 -1.24 8.07 -32.75
C GLY A 127 -1.58 8.42 -34.18
N LYS A 128 -1.81 9.70 -34.41
CA LYS A 128 -2.21 10.17 -35.72
C LYS A 128 -1.34 11.32 -36.21
N VAL A 129 -0.59 11.05 -37.28
CA VAL A 129 0.33 12.05 -37.83
C VAL A 129 -0.03 12.41 -39.27
N TYR A 130 0.46 13.57 -39.69
CA TYR A 130 0.46 13.96 -41.08
C TYR A 130 1.91 14.06 -41.51
N ARG A 131 2.33 13.17 -42.39
CA ARG A 131 3.63 13.26 -43.01
C ARG A 131 3.41 13.56 -44.48
N ALA A 132 4.47 13.85 -45.24
CA ALA A 132 4.29 14.30 -46.62
C ALA A 132 4.01 13.16 -47.63
N ASP A 133 4.13 11.91 -47.17
CA ASP A 133 3.70 10.77 -47.95
C ASP A 133 2.28 11.00 -48.46
N ARG A 134 1.32 10.87 -47.55
CA ARG A 134 -0.11 11.00 -47.87
C ARG A 134 -0.67 12.37 -47.52
N LYS A 135 -1.65 12.83 -48.29
CA LYS A 135 -2.33 14.07 -47.95
C LYS A 135 -3.27 13.84 -46.76
N SER A 136 -3.58 12.58 -46.47
CA SER A 136 -4.50 12.23 -45.40
C SER A 136 -3.80 11.91 -44.07
N VAL A 137 -4.60 11.55 -43.08
CA VAL A 137 -4.09 11.19 -41.76
C VAL A 137 -3.49 9.77 -41.79
N GLN A 138 -2.69 9.43 -40.78
CA GLN A 138 -2.11 8.09 -40.71
C GLN A 138 -2.09 7.54 -39.29
N ARG A 139 -2.64 6.34 -39.09
CA ARG A 139 -2.53 5.69 -37.78
C ARG A 139 -1.16 5.04 -37.69
N ILE A 140 -0.29 5.67 -36.92
CA ILE A 140 1.09 5.24 -36.70
C ILE A 140 1.23 4.76 -35.27
N LYS A 141 2.14 3.83 -35.02
CA LYS A 141 2.40 3.38 -33.64
C LYS A 141 3.08 4.48 -32.84
N ALA A 142 2.72 4.62 -31.57
CA ALA A 142 3.24 5.73 -30.75
C ALA A 142 4.77 5.82 -30.70
N ARG A 143 5.46 4.68 -30.72
CA ARG A 143 6.91 4.69 -30.66
C ARG A 143 7.55 5.37 -31.86
N ASP A 144 6.88 5.27 -33.01
CA ASP A 144 7.47 5.69 -34.27
C ASP A 144 7.28 7.18 -34.52
N ILE A 145 6.56 7.83 -33.61
CA ILE A 145 6.40 9.28 -33.63
C ILE A 145 7.70 9.93 -33.21
N VAL A 146 8.13 10.95 -33.95
CA VAL A 146 9.38 11.62 -33.63
C VAL A 146 9.10 13.08 -33.34
N PRO A 147 10.02 13.75 -32.63
CA PRO A 147 9.82 15.19 -32.49
C PRO A 147 9.59 15.74 -33.86
N GLY A 148 9.11 16.98 -33.94
CA GLY A 148 8.94 17.62 -35.22
C GLY A 148 7.64 17.31 -35.93
N ASP A 149 7.13 16.09 -35.87
CA ASP A 149 5.97 15.80 -36.73
C ASP A 149 4.61 16.32 -36.26
N ILE A 150 3.68 16.34 -37.21
CA ILE A 150 2.39 16.96 -37.03
C ILE A 150 1.40 15.94 -36.53
N VAL A 151 0.90 16.10 -35.31
CA VAL A 151 -0.12 15.17 -34.80
C VAL A 151 -1.47 15.81 -34.68
N GLU A 152 -2.47 14.96 -34.72
CA GLU A 152 -3.85 15.36 -34.64
C GLU A 152 -4.46 14.55 -33.52
N VAL A 153 -5.30 15.18 -32.73
CA VAL A 153 -5.94 14.50 -31.63
C VAL A 153 -7.42 14.87 -31.57
N ALA A 154 -8.23 13.90 -31.14
CA ALA A 154 -9.65 14.16 -30.97
C ALA A 154 -10.13 13.59 -29.63
N VAL A 155 -11.39 13.88 -29.31
CA VAL A 155 -11.97 13.39 -28.07
C VAL A 155 -11.66 11.92 -27.87
N GLY A 156 -11.15 11.62 -26.68
CA GLY A 156 -10.92 10.25 -26.27
C GLY A 156 -9.54 9.71 -26.58
N ASP A 157 -8.74 10.49 -27.31
CA ASP A 157 -7.39 10.04 -27.65
C ASP A 157 -6.43 10.24 -26.50
N LYS A 158 -5.55 9.27 -26.30
CA LYS A 158 -4.43 9.47 -25.40
C LYS A 158 -3.28 10.14 -26.13
N VAL A 159 -2.85 11.29 -25.62
CA VAL A 159 -1.78 12.05 -26.23
C VAL A 159 -0.46 11.27 -26.23
N PRO A 160 0.03 10.96 -27.44
CA PRO A 160 1.17 10.07 -27.76
C PRO A 160 2.53 10.65 -27.36
N ALA A 161 2.64 11.97 -27.43
CA ALA A 161 3.90 12.66 -27.20
C ALA A 161 3.61 13.97 -26.47
N ASP A 162 4.66 14.68 -26.08
CA ASP A 162 4.46 16.02 -25.54
C ASP A 162 4.39 16.94 -26.76
N ILE A 163 3.34 17.73 -26.84
CA ILE A 163 3.02 18.44 -28.08
C ILE A 163 2.77 19.90 -27.85
N ARG A 164 3.20 20.72 -28.81
CA ARG A 164 2.89 22.14 -28.83
C ARG A 164 1.69 22.36 -29.75
N ILE A 165 0.55 22.71 -29.17
CA ILE A 165 -0.67 22.93 -29.94
C ILE A 165 -0.43 24.00 -31.01
N LEU A 166 -0.86 23.73 -32.24
CA LEU A 166 -0.69 24.64 -33.38
C LEU A 166 -2.02 25.26 -33.78
N SER A 167 -3.07 24.45 -33.79
CA SER A 167 -4.41 24.93 -34.14
C SER A 167 -5.52 24.08 -33.54
N ILE A 168 -6.43 24.75 -32.84
CA ILE A 168 -7.61 24.10 -32.27
C ILE A 168 -8.79 24.17 -33.27
N LYS A 169 -9.11 23.01 -33.83
CA LYS A 169 -10.09 22.89 -34.90
C LYS A 169 -11.51 23.01 -34.38
N SER A 170 -11.73 22.54 -33.15
CA SER A 170 -13.03 22.69 -32.51
C SER A 170 -13.09 24.08 -31.88
N THR A 171 -14.27 24.54 -31.51
CA THR A 171 -14.35 25.87 -30.93
C THR A 171 -13.52 25.91 -29.66
N THR A 172 -13.38 24.74 -29.04
CA THR A 172 -12.79 24.67 -27.71
C THR A 172 -12.23 23.26 -27.40
N LEU A 173 -11.02 23.23 -26.85
CA LEU A 173 -10.33 21.96 -26.59
C LEU A 173 -10.05 21.73 -25.10
N ARG A 174 -10.61 20.66 -24.54
CA ARG A 174 -10.47 20.36 -23.10
C ARG A 174 -9.66 19.10 -22.84
N VAL A 175 -8.78 19.17 -21.87
CA VAL A 175 -7.88 18.04 -21.66
C VAL A 175 -7.94 17.51 -20.23
N ASP A 176 -8.01 16.20 -20.11
CA ASP A 176 -8.01 15.59 -18.80
C ASP A 176 -6.57 15.33 -18.46
N GLN A 177 -6.07 16.04 -17.46
CA GLN A 177 -4.67 15.96 -17.11
C GLN A 177 -4.42 15.37 -15.72
N SER A 178 -5.44 14.77 -15.13
CA SER A 178 -5.35 14.29 -13.76
C SER A 178 -4.24 13.26 -13.45
N ILE A 179 -3.91 12.38 -14.39
CA ILE A 179 -2.88 11.37 -14.10
C ILE A 179 -1.51 12.03 -13.95
N LEU A 180 -1.39 13.24 -14.49
CA LEU A 180 -0.09 13.93 -14.50
C LEU A 180 0.02 15.06 -13.49
N THR A 181 -1.06 15.83 -13.33
CA THR A 181 -1.01 17.05 -12.53
C THR A 181 -1.90 16.97 -11.30
N GLY A 182 -2.77 15.97 -11.26
CA GLY A 182 -3.74 15.90 -10.19
C GLY A 182 -4.93 16.85 -10.33
N GLU A 183 -5.08 17.46 -11.50
CA GLU A 183 -6.17 18.39 -11.74
C GLU A 183 -7.57 17.74 -11.85
N SER A 184 -8.50 18.23 -11.03
CA SER A 184 -9.86 17.70 -10.89
C SER A 184 -10.70 17.84 -12.15
N VAL A 185 -10.54 18.97 -12.83
CA VAL A 185 -11.38 19.28 -13.99
C VAL A 185 -10.53 19.48 -15.22
N SER A 186 -11.01 19.00 -16.36
CA SER A 186 -10.26 19.08 -17.59
C SER A 186 -9.93 20.53 -17.92
N VAL A 187 -8.77 20.73 -18.57
CA VAL A 187 -8.25 22.08 -18.74
C VAL A 187 -8.37 22.58 -20.18
N ILE A 188 -8.88 23.81 -20.32
CA ILE A 188 -9.00 24.46 -21.63
C ILE A 188 -7.68 24.95 -22.17
N LYS A 189 -7.34 24.51 -23.37
CA LYS A 189 -6.04 24.79 -23.95
C LYS A 189 -6.15 25.94 -24.93
N HIS A 190 -5.04 26.64 -25.11
CA HIS A 190 -4.96 27.70 -26.09
C HIS A 190 -3.69 27.49 -26.92
N THR A 191 -3.44 28.39 -27.87
CA THR A 191 -2.34 28.18 -28.78
C THR A 191 -1.34 29.34 -28.76
N GLU A 192 -1.13 29.93 -27.59
CA GLU A 192 -0.27 31.11 -27.48
C GLU A 192 0.86 30.92 -26.48
N PRO A 193 1.96 31.69 -26.67
CA PRO A 193 3.16 31.48 -25.87
C PRO A 193 2.87 31.68 -24.40
N VAL A 194 3.54 30.87 -23.60
CA VAL A 194 3.45 31.00 -22.16
C VAL A 194 4.78 31.59 -21.73
N PRO A 195 4.82 32.93 -21.61
CA PRO A 195 6.06 33.66 -21.32
C PRO A 195 6.59 33.25 -19.95
N ASP A 196 5.71 33.30 -18.96
CA ASP A 196 6.07 33.03 -17.57
C ASP A 196 7.27 32.10 -17.42
N PRO A 197 8.31 32.56 -16.73
CA PRO A 197 9.57 31.83 -16.52
C PRO A 197 9.51 30.83 -15.37
N ARG A 198 8.61 31.08 -14.41
CA ARG A 198 8.42 30.17 -13.29
C ARG A 198 7.28 29.19 -13.61
N ALA A 199 6.79 29.30 -14.84
CA ALA A 199 5.62 28.57 -15.32
C ALA A 199 5.77 27.05 -15.32
N VAL A 200 4.75 26.40 -14.75
CA VAL A 200 4.75 24.98 -14.48
C VAL A 200 3.78 24.27 -15.42
N ASN A 201 3.81 22.94 -15.43
CA ASN A 201 2.96 22.14 -16.29
C ASN A 201 1.49 22.54 -16.29
N GLN A 202 0.93 22.86 -15.11
CA GLN A 202 -0.46 23.32 -15.07
C GLN A 202 -0.62 24.77 -15.56
N ASP A 203 0.48 25.37 -16.01
CA ASP A 203 0.45 26.71 -16.60
C ASP A 203 0.71 26.66 -18.10
N LYS A 204 1.34 25.57 -18.55
CA LYS A 204 1.56 25.31 -19.97
C LYS A 204 0.22 24.94 -20.62
N LYS A 205 -0.61 25.96 -20.83
CA LYS A 205 -1.96 25.80 -21.34
C LYS A 205 -1.98 25.69 -22.87
N ASN A 206 -0.80 25.63 -23.47
CA ASN A 206 -0.67 25.52 -24.92
C ASN A 206 0.07 24.24 -25.28
N MET A 207 0.17 23.35 -24.30
CA MET A 207 0.90 22.10 -24.47
C MET A 207 0.01 20.90 -24.23
N LEU A 208 0.33 19.77 -24.86
CA LEU A 208 -0.39 18.53 -24.61
C LEU A 208 0.60 17.49 -24.18
N PHE A 209 0.39 16.92 -23.00
CA PHE A 209 1.39 16.00 -22.45
C PHE A 209 1.07 14.54 -22.70
N SER A 210 2.08 13.80 -23.16
CA SER A 210 1.96 12.37 -23.38
C SER A 210 1.40 11.73 -22.11
N GLY A 211 0.50 10.77 -22.29
CA GLY A 211 -0.11 10.06 -21.17
C GLY A 211 -1.51 10.53 -20.90
N THR A 212 -1.72 11.81 -21.19
CA THR A 212 -2.94 12.55 -20.90
C THR A 212 -4.05 12.25 -21.94
N ASN A 213 -5.31 12.62 -21.67
CA ASN A 213 -6.34 12.46 -22.71
C ASN A 213 -7.25 13.67 -23.03
N ILE A 214 -7.89 13.60 -24.20
CA ILE A 214 -8.74 14.68 -24.68
C ILE A 214 -10.15 14.54 -24.17
N ALA A 215 -10.64 15.57 -23.48
CA ALA A 215 -11.97 15.51 -22.91
C ALA A 215 -12.96 15.95 -23.97
N ALA A 216 -12.52 16.86 -24.83
CA ALA A 216 -13.40 17.43 -25.84
C ALA A 216 -12.59 18.19 -26.88
N GLY A 217 -13.10 18.23 -28.09
CA GLY A 217 -12.44 18.94 -29.17
C GLY A 217 -11.53 18.10 -30.03
N LYS A 218 -10.82 18.79 -30.90
CA LYS A 218 -9.88 18.19 -31.84
C LYS A 218 -8.80 19.24 -31.97
N ALA A 219 -7.58 18.81 -32.25
CA ALA A 219 -6.50 19.77 -32.33
C ALA A 219 -5.37 19.30 -33.21
N LEU A 220 -4.58 20.26 -33.68
CA LEU A 220 -3.35 19.96 -34.38
C LEU A 220 -2.16 20.48 -33.59
N GLY A 221 -1.14 19.65 -33.44
CA GLY A 221 0.06 20.08 -32.75
C GLY A 221 1.32 19.59 -33.43
N ILE A 222 2.45 20.03 -32.88
CA ILE A 222 3.76 19.61 -33.34
C ILE A 222 4.49 18.98 -32.15
N VAL A 223 5.08 17.81 -32.34
CA VAL A 223 5.74 17.11 -31.23
C VAL A 223 6.97 17.84 -30.71
N ALA A 224 6.98 18.19 -29.43
CA ALA A 224 8.12 18.89 -28.87
C ALA A 224 9.18 17.91 -28.39
N THR A 225 8.78 16.94 -27.59
CA THR A 225 9.72 15.95 -27.05
C THR A 225 9.09 14.57 -27.11
N THR A 226 9.90 13.56 -26.80
CA THR A 226 9.48 12.17 -26.94
C THR A 226 10.22 11.30 -25.96
N GLY A 227 9.87 10.02 -25.92
CA GLY A 227 10.46 9.07 -25.00
C GLY A 227 10.79 9.64 -23.63
N VAL A 228 12.02 9.41 -23.20
CA VAL A 228 12.49 9.83 -21.89
C VAL A 228 12.41 11.33 -21.63
N SER A 229 12.23 12.14 -22.67
CA SER A 229 12.25 13.58 -22.51
C SER A 229 10.86 14.19 -22.30
N THR A 230 9.84 13.35 -22.20
CA THR A 230 8.51 13.86 -21.92
C THR A 230 8.38 14.11 -20.42
N GLU A 231 7.34 14.82 -20.03
CA GLU A 231 7.05 15.01 -18.61
C GLU A 231 6.80 13.66 -17.94
N ILE A 232 6.34 12.70 -18.73
CA ILE A 232 6.15 11.33 -18.28
C ILE A 232 7.51 10.65 -18.10
N GLY A 233 8.41 10.89 -19.05
CA GLY A 233 9.74 10.33 -19.01
C GLY A 233 10.53 10.89 -17.85
N LYS A 234 10.63 12.21 -17.80
CA LYS A 234 11.36 12.88 -16.74
C LYS A 234 11.02 12.27 -15.38
N ILE A 235 9.73 12.13 -15.09
CA ILE A 235 9.30 11.65 -13.78
C ILE A 235 9.67 10.21 -13.60
N ARG A 236 9.63 9.46 -14.69
CA ARG A 236 10.07 8.07 -14.67
C ARG A 236 11.52 7.98 -14.17
N ASP A 237 12.39 8.81 -14.74
CA ASP A 237 13.80 8.83 -14.34
C ASP A 237 13.95 9.27 -12.90
N GLN A 238 13.40 10.46 -12.63
CA GLN A 238 13.28 11.01 -11.30
C GLN A 238 12.94 9.93 -10.25
N MET A 239 11.97 9.09 -10.57
CA MET A 239 11.54 8.01 -9.69
C MET A 239 12.62 6.94 -9.53
N ALA A 240 13.33 6.63 -10.62
CA ALA A 240 14.33 5.58 -10.61
C ALA A 240 15.62 6.05 -9.95
N ALA A 241 15.78 7.37 -9.84
CA ALA A 241 16.97 7.96 -9.25
C ALA A 241 16.77 8.21 -7.76
N THR A 242 15.58 7.87 -7.26
CA THR A 242 15.28 7.95 -5.84
C THR A 242 15.82 6.70 -5.15
N GLU A 243 16.63 6.88 -4.12
CA GLU A 243 17.18 5.75 -3.37
C GLU A 243 16.26 5.31 -2.24
N GLN A 244 16.47 4.08 -1.77
CA GLN A 244 15.65 3.52 -0.71
C GLN A 244 16.45 2.75 0.33
N ASP A 245 16.19 3.03 1.59
CA ASP A 245 16.72 2.20 2.67
C ASP A 245 15.89 0.92 2.74
N LYS A 246 16.29 0.01 3.62
CA LYS A 246 15.53 -1.21 3.86
C LYS A 246 14.34 -0.90 4.76
N THR A 247 13.31 -1.73 4.67
CA THR A 247 12.16 -1.59 5.55
C THR A 247 12.60 -1.44 7.00
N PRO A 248 11.85 -0.65 7.79
CA PRO A 248 12.17 -0.44 9.20
C PRO A 248 12.22 -1.75 9.99
N LEU A 249 11.47 -2.76 9.56
CA LEU A 249 11.48 -4.05 10.23
C LEU A 249 12.78 -4.79 9.93
N GLN A 250 13.12 -4.88 8.65
CA GLN A 250 14.40 -5.44 8.23
C GLN A 250 15.52 -4.72 8.98
N GLN A 251 15.39 -3.42 9.16
CA GLN A 251 16.39 -2.66 9.88
C GLN A 251 16.46 -3.08 11.35
N LYS A 252 15.32 -3.38 11.95
CA LYS A 252 15.28 -3.76 13.36
C LYS A 252 15.89 -5.14 13.57
N LEU A 253 15.65 -6.02 12.60
CA LEU A 253 16.22 -7.37 12.61
C LEU A 253 17.74 -7.36 12.47
N ASP A 254 18.25 -6.59 11.52
CA ASP A 254 19.70 -6.44 11.34
C ASP A 254 20.36 -5.80 12.55
N GLU A 255 19.60 -4.96 13.26
CA GLU A 255 20.08 -4.33 14.47
C GLU A 255 20.21 -5.39 15.55
N PHE A 256 19.24 -6.29 15.57
CA PHE A 256 19.24 -7.39 16.52
C PHE A 256 20.28 -8.44 16.11
N GLY A 257 20.24 -8.81 14.83
CA GLY A 257 21.24 -9.69 14.28
C GLY A 257 22.66 -9.31 14.67
N GLU A 258 22.92 -8.01 14.83
CA GLU A 258 24.26 -7.60 15.23
C GLU A 258 24.48 -7.62 16.74
N GLN A 259 23.40 -7.44 17.50
CA GLN A 259 23.50 -7.61 18.94
C GLN A 259 23.84 -9.07 19.25
N LEU A 260 23.16 -10.00 18.59
CA LEU A 260 23.47 -11.42 18.68
C LEU A 260 24.91 -11.69 18.23
N SER A 261 25.32 -11.07 17.13
CA SER A 261 26.67 -11.23 16.61
C SER A 261 27.72 -10.83 17.63
N LYS A 262 27.36 -9.91 18.52
CA LYS A 262 28.28 -9.45 19.56
C LYS A 262 28.42 -10.48 20.67
N VAL A 263 27.30 -10.90 21.23
CA VAL A 263 27.31 -11.91 22.30
C VAL A 263 27.98 -13.23 21.90
N ILE A 264 27.71 -13.70 20.69
CA ILE A 264 28.36 -14.90 20.15
C ILE A 264 29.87 -14.73 20.16
N SER A 265 30.32 -13.54 19.79
CA SER A 265 31.75 -13.26 19.73
C SER A 265 32.32 -13.06 21.12
N LEU A 266 31.48 -12.57 22.02
CA LEU A 266 31.86 -12.37 23.41
C LEU A 266 32.09 -13.71 24.11
N ILE A 267 31.30 -14.72 23.77
CA ILE A 267 31.44 -16.05 24.38
C ILE A 267 32.66 -16.78 23.82
N CYS A 268 32.79 -16.78 22.49
CA CYS A 268 33.92 -17.46 21.87
C CYS A 268 35.22 -17.01 22.53
N VAL A 269 35.33 -15.71 22.76
CA VAL A 269 36.43 -15.17 23.54
C VAL A 269 36.34 -15.67 24.98
N ALA A 270 35.59 -14.98 25.83
CA ALA A 270 35.44 -15.35 27.25
C ALA A 270 35.95 -16.75 27.60
N VAL A 271 35.41 -17.77 26.94
CA VAL A 271 35.77 -19.15 27.23
C VAL A 271 37.18 -19.51 26.75
N TRP A 272 37.52 -19.07 25.54
CA TRP A 272 38.86 -19.28 25.00
C TRP A 272 39.89 -18.54 25.85
N LEU A 273 39.65 -17.26 26.08
CA LEU A 273 40.54 -16.44 26.88
C LEU A 273 40.77 -17.04 28.27
N ILE A 274 39.76 -17.73 28.78
CA ILE A 274 39.80 -18.24 30.14
C ILE A 274 40.61 -19.53 30.28
N ASN A 275 41.07 -20.09 29.15
CA ASN A 275 41.66 -21.41 29.17
C ASN A 275 43.01 -21.61 28.46
N ILE A 276 43.33 -20.78 27.49
CA ILE A 276 44.58 -20.94 26.74
C ILE A 276 45.78 -21.15 27.66
N GLY A 277 45.84 -20.37 28.73
CA GLY A 277 46.94 -20.45 29.68
C GLY A 277 46.79 -21.62 30.64
N HIS A 278 45.97 -22.60 30.25
CA HIS A 278 45.70 -23.76 31.08
C HIS A 278 45.69 -25.04 30.24
N PHE A 279 46.36 -25.00 29.09
CA PHE A 279 46.37 -26.14 28.19
C PHE A 279 47.58 -27.06 28.37
N ASN A 280 48.58 -26.60 29.11
CA ASN A 280 49.81 -27.39 29.29
C ASN A 280 49.56 -28.80 29.84
N ASP A 281 50.40 -29.75 29.44
CA ASP A 281 50.21 -31.18 29.77
C ASP A 281 48.80 -31.64 29.42
N PRO A 282 48.42 -31.52 28.14
CA PRO A 282 47.01 -31.50 27.73
C PRO A 282 46.02 -32.68 27.94
N VAL A 283 46.24 -33.96 27.63
CA VAL A 283 47.43 -34.58 27.05
C VAL A 283 47.11 -34.93 25.60
N HIS A 284 47.63 -34.17 24.65
CA HIS A 284 47.06 -34.16 23.30
C HIS A 284 47.89 -34.83 22.20
N GLY A 285 49.08 -35.31 22.54
CA GLY A 285 50.01 -35.84 21.56
C GLY A 285 49.43 -36.83 20.56
N GLY A 286 48.80 -37.88 21.06
CA GLY A 286 48.11 -38.81 20.19
C GLY A 286 47.19 -38.04 19.26
N SER A 287 46.50 -37.06 19.82
CA SER A 287 45.47 -36.29 19.13
C SER A 287 45.97 -35.33 18.04
N TRP A 288 47.29 -35.24 17.86
CA TRP A 288 47.87 -34.57 16.69
C TRP A 288 47.49 -33.09 16.46
N ILE A 289 47.07 -32.38 17.51
CA ILE A 289 46.64 -30.99 17.36
C ILE A 289 47.43 -30.02 18.25
N ARG A 290 47.42 -28.74 17.87
CA ARG A 290 47.93 -27.68 18.75
C ARG A 290 46.76 -27.13 19.57
N GLY A 291 46.97 -27.02 20.88
CA GLY A 291 45.89 -26.66 21.79
C GLY A 291 45.96 -25.24 22.32
N ALA A 292 44.90 -24.81 23.00
CA ALA A 292 44.68 -23.41 23.28
C ALA A 292 44.61 -22.76 21.90
N ILE A 293 44.25 -23.62 20.95
CA ILE A 293 44.08 -23.31 19.53
C ILE A 293 43.15 -24.39 19.03
N TYR A 294 42.94 -25.39 19.87
CA TYR A 294 41.88 -26.36 19.68
C TYR A 294 40.79 -26.05 20.70
N TYR A 295 41.19 -25.48 21.82
CA TYR A 295 40.25 -24.94 22.78
C TYR A 295 39.39 -23.90 22.09
N PHE A 296 40.02 -23.14 21.23
CA PHE A 296 39.31 -22.22 20.36
C PHE A 296 38.12 -22.92 19.72
N LYS A 297 38.37 -24.07 19.08
CA LYS A 297 37.33 -24.80 18.35
C LYS A 297 36.07 -25.06 19.18
N ILE A 298 36.24 -25.28 20.48
CA ILE A 298 35.09 -25.54 21.35
C ILE A 298 34.39 -24.23 21.70
N ALA A 299 35.13 -23.14 21.69
CA ALA A 299 34.55 -21.82 21.96
C ALA A 299 33.55 -21.45 20.87
N VAL A 300 33.93 -21.66 19.61
CA VAL A 300 33.05 -21.37 18.48
C VAL A 300 31.91 -22.38 18.40
N ALA A 301 32.16 -23.60 18.86
CA ALA A 301 31.10 -24.60 18.91
C ALA A 301 30.02 -24.13 19.87
N LEU A 302 30.38 -23.24 20.79
CA LEU A 302 29.42 -22.61 21.68
C LEU A 302 28.73 -21.46 20.97
N ALA A 303 29.50 -20.66 20.24
CA ALA A 303 28.96 -19.64 19.37
C ALA A 303 27.77 -20.23 18.62
N VAL A 304 28.04 -21.04 17.61
CA VAL A 304 27.01 -21.72 16.84
C VAL A 304 25.85 -22.24 17.70
N ALA A 305 26.13 -22.59 18.95
CA ALA A 305 25.09 -23.09 19.83
C ALA A 305 24.09 -22.00 20.19
N ALA A 306 24.58 -20.77 20.26
CA ALA A 306 23.78 -19.63 20.65
C ALA A 306 22.81 -19.17 19.55
N ILE A 307 22.92 -19.75 18.37
CA ILE A 307 22.07 -19.34 17.25
C ILE A 307 20.77 -20.14 17.17
N PRO A 308 19.62 -19.45 17.25
CA PRO A 308 18.33 -20.14 17.08
C PRO A 308 18.21 -20.59 15.64
N GLU A 309 18.36 -21.89 15.41
CA GLU A 309 18.38 -22.43 14.07
C GLU A 309 17.07 -22.14 13.35
N GLY A 310 15.96 -22.29 14.07
CA GLY A 310 14.64 -22.21 13.49
C GLY A 310 14.07 -20.81 13.27
N LEU A 311 14.80 -19.80 13.70
CA LEU A 311 14.29 -18.42 13.72
C LEU A 311 13.90 -17.86 12.34
N PRO A 312 14.88 -17.72 11.43
CA PRO A 312 14.58 -17.06 10.15
C PRO A 312 13.41 -17.70 9.42
N ALA A 313 13.05 -18.93 9.79
CA ALA A 313 11.91 -19.58 9.15
C ALA A 313 10.60 -19.11 9.78
N VAL A 314 10.55 -19.05 11.09
CA VAL A 314 9.33 -18.63 11.78
C VAL A 314 8.97 -17.18 11.41
N ILE A 315 9.96 -16.30 11.44
CA ILE A 315 9.80 -14.93 10.99
C ILE A 315 9.17 -14.92 9.61
N THR A 316 9.84 -15.55 8.65
CA THR A 316 9.36 -15.63 7.28
C THR A 316 8.05 -16.41 7.16
N THR A 317 7.58 -16.97 8.27
CA THR A 317 6.31 -17.66 8.27
C THR A 317 5.24 -16.72 8.82
N CYS A 318 5.63 -15.96 9.85
CA CYS A 318 4.77 -14.92 10.42
C CYS A 318 4.39 -13.91 9.34
N LEU A 319 5.41 -13.32 8.72
CA LEU A 319 5.18 -12.36 7.66
C LEU A 319 4.30 -12.96 6.58
N ALA A 320 4.85 -13.86 5.78
CA ALA A 320 4.09 -14.46 4.69
C ALA A 320 2.62 -14.70 5.07
N LEU A 321 2.41 -15.04 6.32
CA LEU A 321 1.06 -15.27 6.83
C LEU A 321 0.26 -13.98 6.79
N GLY A 322 0.84 -12.92 7.34
CA GLY A 322 0.20 -11.61 7.35
C GLY A 322 0.01 -11.00 5.96
N THR A 323 0.94 -11.28 5.06
CA THR A 323 0.79 -10.90 3.66
C THR A 323 -0.49 -11.50 3.08
N ARG A 324 -0.70 -12.78 3.36
CA ARG A 324 -1.84 -13.50 2.81
C ARG A 324 -3.15 -13.03 3.44
N ARG A 325 -3.10 -12.54 4.67
CA ARG A 325 -4.28 -11.97 5.32
C ARG A 325 -4.66 -10.63 4.68
N MET A 326 -3.66 -9.95 4.14
CA MET A 326 -3.87 -8.66 3.52
C MET A 326 -4.42 -8.87 2.11
N ALA A 327 -3.98 -9.94 1.47
CA ALA A 327 -4.41 -10.24 0.10
C ALA A 327 -5.89 -10.63 0.03
N LYS A 328 -6.45 -11.01 1.17
CA LYS A 328 -7.87 -11.30 1.25
C LYS A 328 -8.65 -10.00 1.44
N LYS A 329 -7.97 -8.95 1.86
CA LYS A 329 -8.59 -7.62 1.94
C LYS A 329 -8.24 -6.84 0.68
N ASN A 330 -7.60 -7.54 -0.26
CA ASN A 330 -7.26 -7.00 -1.58
C ASN A 330 -6.07 -6.07 -1.56
N ALA A 331 -5.07 -6.40 -0.75
CA ALA A 331 -3.83 -5.63 -0.76
C ALA A 331 -2.67 -6.50 -1.20
N ILE A 332 -2.10 -6.19 -2.37
CA ILE A 332 -0.91 -6.87 -2.84
C ILE A 332 0.30 -6.24 -2.18
N VAL A 333 1.06 -7.05 -1.44
CA VAL A 333 2.33 -6.58 -0.88
C VAL A 333 3.52 -7.16 -1.64
N ARG A 334 4.38 -6.28 -2.12
CA ARG A 334 5.51 -6.70 -2.93
C ARG A 334 6.50 -7.57 -2.14
N SER A 335 6.86 -7.14 -0.94
CA SER A 335 7.86 -7.84 -0.16
C SER A 335 7.38 -8.11 1.26
N LEU A 336 7.94 -9.12 1.89
CA LEU A 336 7.47 -9.59 3.20
C LEU A 336 7.65 -8.59 4.35
N PRO A 337 8.85 -8.03 4.50
CA PRO A 337 9.04 -7.07 5.59
C PRO A 337 8.07 -5.89 5.50
N SER A 338 7.54 -5.65 4.29
CA SER A 338 6.61 -4.53 4.07
C SER A 338 5.26 -4.64 4.81
N VAL A 339 4.82 -5.84 5.15
CA VAL A 339 3.55 -5.98 5.87
C VAL A 339 3.63 -5.35 7.27
N GLU A 340 4.83 -5.01 7.71
CA GLU A 340 4.98 -4.32 8.98
C GLU A 340 4.97 -2.79 8.80
N THR A 341 5.68 -2.30 7.78
CA THR A 341 5.95 -0.87 7.64
C THR A 341 4.84 0.03 8.14
N LEU A 342 3.59 -0.26 7.76
CA LEU A 342 2.47 0.60 8.14
C LEU A 342 2.15 0.60 9.62
N GLY A 343 2.50 -0.47 10.32
CA GLY A 343 2.18 -0.58 11.72
C GLY A 343 2.92 0.44 12.54
N CYS A 344 4.03 0.95 12.01
CA CYS A 344 4.87 1.87 12.76
C CYS A 344 5.02 3.24 12.09
N THR A 345 4.13 3.51 11.14
CA THR A 345 4.11 4.78 10.41
C THR A 345 3.55 5.94 11.25
N SER A 346 4.23 7.08 11.19
CA SER A 346 3.86 8.28 11.96
C SER A 346 2.99 9.22 11.13
N VAL A 347 3.31 9.32 9.85
CA VAL A 347 2.59 10.18 8.94
C VAL A 347 2.25 9.45 7.66
N ILE A 348 0.99 9.57 7.26
CA ILE A 348 0.58 9.12 5.95
C ILE A 348 0.42 10.35 5.07
N CYS A 349 1.22 10.45 4.02
CA CYS A 349 1.02 11.47 3.03
C CYS A 349 0.06 10.93 1.99
N SER A 350 -0.83 11.78 1.50
CA SER A 350 -1.80 11.32 0.53
C SER A 350 -2.09 12.35 -0.54
N ASP A 351 -2.06 11.84 -1.77
CA ASP A 351 -2.52 12.56 -2.92
C ASP A 351 -4.03 12.69 -2.84
N LYS A 352 -4.57 13.67 -3.55
CA LYS A 352 -6.02 13.91 -3.55
C LYS A 352 -6.73 13.20 -4.69
N THR A 353 -6.66 13.82 -5.87
CA THR A 353 -7.42 13.39 -7.03
C THR A 353 -7.16 11.93 -7.39
N GLY A 354 -8.16 11.08 -7.22
CA GLY A 354 -8.04 9.70 -7.59
C GLY A 354 -7.45 8.86 -6.49
N THR A 355 -6.90 9.53 -5.47
CA THR A 355 -6.47 8.83 -4.27
C THR A 355 -7.54 8.99 -3.18
N LEU A 356 -7.61 10.17 -2.57
CA LEU A 356 -8.64 10.46 -1.59
C LEU A 356 -10.01 10.56 -2.26
N THR A 357 -10.01 10.90 -3.55
CA THR A 357 -11.24 11.05 -4.31
C THR A 357 -11.36 10.04 -5.44
N THR A 358 -12.56 9.90 -5.99
CA THR A 358 -12.78 8.97 -7.09
C THR A 358 -12.35 9.50 -8.45
N ASN A 359 -12.15 10.80 -8.56
CA ASN A 359 -11.89 11.43 -9.85
C ASN A 359 -12.96 11.05 -10.86
N GLN A 360 -14.21 11.08 -10.40
CA GLN A 360 -15.37 10.84 -11.24
C GLN A 360 -16.48 11.83 -10.87
N MET A 361 -16.54 12.94 -11.61
CA MET A 361 -17.55 13.96 -11.41
C MET A 361 -18.90 13.40 -11.02
N SER A 362 -19.39 13.79 -9.86
CA SER A 362 -20.70 13.29 -9.45
C SER A 362 -21.67 14.41 -9.11
N VAL A 363 -22.87 14.31 -9.67
CA VAL A 363 -23.95 15.19 -9.30
C VAL A 363 -24.55 14.66 -8.02
N CYS A 364 -24.50 15.46 -6.98
CA CYS A 364 -25.01 15.02 -5.69
C CYS A 364 -26.14 15.90 -5.16
N LYS A 365 -26.37 17.05 -5.79
CA LYS A 365 -27.50 17.91 -5.46
C LYS A 365 -28.15 18.47 -6.72
N MET A 366 -29.45 18.75 -6.65
CA MET A 366 -30.18 19.33 -7.76
C MET A 366 -31.47 19.92 -7.25
N PHE A 367 -31.88 21.06 -7.80
CA PHE A 367 -33.18 21.62 -7.44
C PHE A 367 -34.00 22.17 -8.59
N ILE A 368 -35.31 22.19 -8.38
CA ILE A 368 -36.25 22.85 -9.27
C ILE A 368 -37.16 23.73 -8.45
N ILE A 369 -38.12 24.37 -9.11
CA ILE A 369 -39.03 25.25 -8.41
C ILE A 369 -40.29 24.49 -7.97
N ASP A 370 -40.64 24.67 -6.71
CA ASP A 370 -41.83 24.03 -6.15
C ASP A 370 -43.06 24.93 -6.27
N LYS A 371 -43.00 26.11 -5.68
CA LYS A 371 -44.13 27.03 -5.61
C LYS A 371 -43.73 28.47 -5.83
N VAL A 372 -44.60 29.23 -6.49
CA VAL A 372 -44.39 30.66 -6.68
C VAL A 372 -45.64 31.46 -6.35
N ASP A 373 -45.72 31.97 -5.13
CA ASP A 373 -46.85 32.79 -4.71
C ASP A 373 -46.38 34.22 -4.43
N GLY A 374 -46.36 35.05 -5.48
CA GLY A 374 -45.92 36.42 -5.35
C GLY A 374 -44.49 36.58 -4.88
N ASP A 375 -44.33 36.93 -3.60
CA ASP A 375 -43.02 37.14 -3.02
C ASP A 375 -42.47 35.84 -2.44
N PHE A 376 -43.28 34.79 -2.53
CA PHE A 376 -42.88 33.50 -1.99
C PHE A 376 -42.39 32.55 -3.07
N CYS A 377 -41.22 31.99 -2.83
CA CYS A 377 -40.67 30.97 -3.71
C CYS A 377 -40.09 29.82 -2.91
N SER A 378 -40.64 28.64 -3.14
CA SER A 378 -40.11 27.42 -2.54
C SER A 378 -39.45 26.59 -3.63
N LEU A 379 -38.49 25.78 -3.21
CA LEU A 379 -37.77 24.92 -4.13
C LEU A 379 -37.98 23.47 -3.76
N ASN A 380 -37.84 22.59 -4.73
CA ASN A 380 -37.71 21.18 -4.45
C ASN A 380 -36.24 20.84 -4.60
N GLU A 381 -35.59 20.63 -3.47
CA GLU A 381 -34.18 20.25 -3.52
C GLU A 381 -34.03 18.75 -3.25
N PHE A 382 -33.14 18.14 -4.02
CA PHE A 382 -32.93 16.72 -3.95
C PHE A 382 -31.47 16.46 -3.72
N SER A 383 -31.15 15.21 -3.39
CA SER A 383 -29.78 14.76 -3.28
C SER A 383 -29.66 13.42 -4.00
N ILE A 384 -28.44 13.08 -4.38
CA ILE A 384 -28.18 11.86 -5.12
C ILE A 384 -27.03 11.15 -4.46
N THR A 385 -27.22 9.88 -4.16
CA THR A 385 -26.13 9.05 -3.64
C THR A 385 -25.35 8.46 -4.80
N GLY A 386 -24.10 8.11 -4.55
CA GLY A 386 -23.23 7.62 -5.60
C GLY A 386 -21.98 8.46 -5.65
N SER A 387 -20.88 7.86 -6.09
CA SER A 387 -19.61 8.57 -6.09
C SER A 387 -18.75 8.32 -7.33
N THR A 388 -19.31 7.57 -8.27
CA THR A 388 -18.59 7.19 -9.48
C THR A 388 -19.53 7.44 -10.64
N TYR A 389 -19.12 7.01 -11.83
CA TYR A 389 -19.95 7.16 -13.02
C TYR A 389 -21.00 6.07 -13.07
N ALA A 390 -20.81 5.02 -12.28
CA ALA A 390 -21.77 3.93 -12.24
C ALA A 390 -23.17 4.47 -11.95
N PRO A 391 -24.16 3.99 -12.72
CA PRO A 391 -25.59 4.36 -12.63
C PRO A 391 -26.21 3.61 -11.46
N GLU A 392 -25.59 3.77 -10.30
CA GLU A 392 -26.04 3.05 -9.12
C GLU A 392 -26.19 4.06 -7.99
N GLY A 393 -27.42 4.20 -7.52
CA GLY A 393 -27.71 5.22 -6.53
C GLY A 393 -29.15 5.65 -6.61
N GLU A 394 -29.54 6.43 -5.61
CA GLU A 394 -30.92 6.87 -5.51
C GLU A 394 -31.07 8.37 -5.34
N VAL A 395 -32.25 8.85 -5.67
CA VAL A 395 -32.59 10.24 -5.55
C VAL A 395 -33.39 10.40 -4.28
N LEU A 396 -32.95 11.30 -3.43
CA LEU A 396 -33.65 11.53 -2.18
C LEU A 396 -34.22 12.92 -2.17
N LYS A 397 -35.30 13.11 -1.41
CA LYS A 397 -35.74 14.44 -1.01
C LYS A 397 -35.97 14.41 0.49
N ASN A 398 -35.32 15.32 1.22
CA ASN A 398 -35.36 15.32 2.66
C ASN A 398 -34.81 14.00 3.21
N ASP A 399 -33.76 13.54 2.55
CA ASP A 399 -33.03 12.34 2.94
C ASP A 399 -33.84 11.05 2.87
N LYS A 400 -35.03 11.09 2.29
CA LYS A 400 -35.70 9.84 1.94
C LYS A 400 -36.00 9.77 0.45
N PRO A 401 -35.99 8.55 -0.10
CA PRO A 401 -36.12 8.19 -1.52
C PRO A 401 -37.36 8.74 -2.23
N ILE A 402 -37.18 9.26 -3.44
CA ILE A 402 -38.33 9.56 -4.27
C ILE A 402 -38.21 8.95 -5.68
N ARG A 403 -39.32 8.93 -6.41
CA ARG A 403 -39.29 8.70 -7.85
C ARG A 403 -39.20 10.03 -8.53
N SER A 404 -38.09 10.26 -9.22
CA SER A 404 -37.89 11.52 -9.92
C SER A 404 -39.05 11.78 -10.88
N GLY A 405 -39.59 10.72 -11.46
CA GLY A 405 -40.67 10.82 -12.42
C GLY A 405 -41.89 11.53 -11.89
N GLN A 406 -42.03 11.54 -10.57
CA GLN A 406 -43.22 12.12 -9.93
C GLN A 406 -43.24 13.65 -9.99
N PHE A 407 -42.09 14.25 -10.31
CA PHE A 407 -41.98 15.69 -10.50
C PHE A 407 -41.71 16.04 -11.98
N ASP A 408 -42.67 16.69 -12.64
CA ASP A 408 -42.50 17.07 -14.05
C ASP A 408 -41.27 17.95 -14.28
N GLY A 409 -40.92 18.75 -13.26
CA GLY A 409 -39.73 19.57 -13.31
C GLY A 409 -38.48 18.71 -13.42
N LEU A 410 -38.46 17.59 -12.72
CA LEU A 410 -37.35 16.65 -12.82
C LEU A 410 -37.31 15.96 -14.19
N VAL A 411 -38.48 15.80 -14.80
CA VAL A 411 -38.57 15.19 -16.12
C VAL A 411 -37.91 16.12 -17.15
N GLU A 412 -38.13 17.41 -17.03
CA GLU A 412 -37.51 18.30 -17.97
C GLU A 412 -36.01 18.38 -17.69
N LEU A 413 -35.68 18.53 -16.41
CA LEU A 413 -34.28 18.57 -16.01
C LEU A 413 -33.52 17.37 -16.60
N ALA A 414 -34.02 16.15 -16.38
CA ALA A 414 -33.44 14.97 -17.01
C ALA A 414 -33.26 15.16 -18.51
N THR A 415 -34.31 15.67 -19.16
CA THR A 415 -34.34 15.79 -20.61
C THR A 415 -33.27 16.74 -21.13
N ILE A 416 -33.17 17.92 -20.52
CA ILE A 416 -32.08 18.82 -20.87
C ILE A 416 -30.73 18.12 -20.74
N CYS A 417 -30.49 17.54 -19.55
CA CYS A 417 -29.28 16.74 -19.24
C CYS A 417 -28.95 15.62 -20.25
N ALA A 418 -29.97 14.97 -20.80
CA ALA A 418 -29.74 13.94 -21.79
C ALA A 418 -29.42 14.55 -23.14
N LEU A 419 -30.20 15.57 -23.51
CA LEU A 419 -30.11 16.14 -24.85
C LEU A 419 -28.95 17.13 -25.01
N CYS A 420 -28.81 18.02 -24.04
CA CYS A 420 -27.77 19.04 -24.13
C CYS A 420 -26.47 18.42 -23.61
N ASN A 421 -25.84 17.60 -24.44
CA ASN A 421 -24.80 16.68 -23.96
C ASN A 421 -24.03 16.03 -25.13
N ASP A 422 -22.71 16.15 -25.14
CA ASP A 422 -21.91 15.52 -26.21
C ASP A 422 -21.20 14.28 -25.75
N SER A 423 -21.57 13.77 -24.59
CA SER A 423 -20.83 12.67 -23.99
C SER A 423 -21.74 11.50 -23.67
N SER A 424 -21.13 10.44 -23.18
CA SER A 424 -21.87 9.23 -22.88
C SER A 424 -21.14 8.38 -21.86
N LEU A 425 -21.69 7.19 -21.63
CA LEU A 425 -21.19 6.28 -20.63
C LEU A 425 -20.85 4.98 -21.34
N ASP A 426 -20.02 4.16 -20.71
CA ASP A 426 -19.61 2.91 -21.32
C ASP A 426 -19.15 2.00 -20.22
N PHE A 427 -19.52 0.72 -20.32
CA PHE A 427 -19.00 -0.27 -19.40
C PHE A 427 -17.79 -1.00 -19.98
N ASN A 428 -16.69 -0.91 -19.27
CA ASN A 428 -15.45 -1.58 -19.65
C ASN A 428 -15.45 -3.01 -19.09
N GLU A 429 -15.81 -3.97 -19.93
CA GLU A 429 -16.01 -5.35 -19.52
C GLU A 429 -14.74 -5.99 -18.96
N THR A 430 -13.60 -5.57 -19.51
CA THR A 430 -12.31 -6.05 -19.04
C THR A 430 -12.00 -5.63 -17.61
N LYS A 431 -12.02 -4.32 -17.35
CA LYS A 431 -11.76 -3.77 -16.01
C LYS A 431 -12.96 -3.96 -15.07
N GLY A 432 -14.11 -4.26 -15.65
CA GLY A 432 -15.31 -4.43 -14.84
C GLY A 432 -15.84 -3.16 -14.22
N VAL A 433 -15.55 -2.01 -14.85
CA VAL A 433 -16.04 -0.72 -14.37
C VAL A 433 -16.70 0.15 -15.45
N TYR A 434 -17.63 1.01 -15.04
CA TYR A 434 -18.19 2.00 -15.95
C TYR A 434 -17.18 3.12 -16.09
N GLU A 435 -17.10 3.70 -17.29
CA GLU A 435 -16.16 4.75 -17.59
C GLU A 435 -16.78 5.83 -18.43
N LYS A 436 -16.27 7.05 -18.30
CA LYS A 436 -16.77 8.17 -19.06
C LYS A 436 -16.33 8.10 -20.52
N VAL A 437 -17.20 8.53 -21.42
CA VAL A 437 -16.86 8.69 -22.82
C VAL A 437 -17.03 10.16 -23.09
N GLY A 438 -15.93 10.88 -23.24
CA GLY A 438 -16.02 12.31 -23.45
C GLY A 438 -15.57 13.13 -22.26
N GLU A 439 -16.42 14.07 -21.85
CA GLU A 439 -16.09 15.03 -20.80
C GLU A 439 -16.67 14.65 -19.42
N ALA A 440 -15.81 14.58 -18.41
CA ALA A 440 -16.24 14.25 -17.04
C ALA A 440 -17.54 14.95 -16.62
N THR A 441 -17.56 16.28 -16.76
CA THR A 441 -18.67 17.08 -16.29
C THR A 441 -19.95 16.90 -17.12
N GLU A 442 -19.82 16.29 -18.29
CA GLU A 442 -20.99 15.88 -19.05
C GLU A 442 -21.48 14.48 -18.65
N THR A 443 -20.56 13.53 -18.54
CA THR A 443 -20.93 12.17 -18.13
C THR A 443 -21.60 12.16 -16.76
N ALA A 444 -21.18 13.05 -15.87
CA ALA A 444 -21.87 13.23 -14.60
C ALA A 444 -23.38 13.32 -14.84
N LEU A 445 -23.79 13.91 -15.96
CA LEU A 445 -25.21 14.13 -16.22
C LEU A 445 -25.82 12.86 -16.78
N THR A 446 -25.06 12.20 -17.63
CA THR A 446 -25.50 10.92 -18.17
C THR A 446 -25.81 9.96 -17.04
N THR A 447 -24.86 9.82 -16.11
CA THR A 447 -25.01 8.98 -14.93
C THR A 447 -26.24 9.37 -14.12
N LEU A 448 -26.39 10.68 -13.92
CA LEU A 448 -27.50 11.25 -13.17
C LEU A 448 -28.87 10.89 -13.74
N VAL A 449 -28.97 10.93 -15.06
CA VAL A 449 -30.17 10.53 -15.74
C VAL A 449 -30.45 9.02 -15.57
N GLU A 450 -29.40 8.21 -15.58
CA GLU A 450 -29.59 6.78 -15.38
C GLU A 450 -30.08 6.50 -13.98
N LYS A 451 -29.55 7.23 -13.01
CA LYS A 451 -29.97 7.07 -11.61
C LYS A 451 -31.41 7.57 -11.43
N MET A 452 -31.72 8.67 -12.09
CA MET A 452 -33.02 9.32 -11.96
C MET A 452 -34.13 8.49 -12.58
N ASN A 453 -33.83 7.87 -13.73
CA ASN A 453 -34.76 6.99 -14.43
C ASN A 453 -36.16 7.56 -14.46
N VAL A 454 -36.25 8.74 -15.04
CA VAL A 454 -37.45 9.56 -14.99
C VAL A 454 -38.76 8.94 -15.55
N PHE A 455 -38.67 7.87 -16.33
CA PHE A 455 -39.90 7.27 -16.86
C PHE A 455 -40.22 5.92 -16.23
N ASN A 456 -39.44 5.53 -15.21
CA ASN A 456 -39.60 4.23 -14.57
C ASN A 456 -39.53 3.11 -15.59
N THR A 457 -38.42 3.11 -16.32
CA THR A 457 -38.15 2.11 -17.33
C THR A 457 -37.54 0.90 -16.65
N GLU A 458 -37.97 -0.28 -17.06
CA GLU A 458 -37.33 -1.50 -16.57
C GLU A 458 -35.93 -1.64 -17.15
N VAL A 459 -34.95 -1.88 -16.27
CA VAL A 459 -33.54 -1.95 -16.66
C VAL A 459 -32.83 -3.14 -16.01
N ARG A 460 -33.48 -3.75 -15.01
CA ARG A 460 -32.98 -4.93 -14.29
C ARG A 460 -32.16 -5.95 -15.08
N ASN A 461 -32.70 -6.44 -16.19
CA ASN A 461 -32.09 -7.57 -16.89
C ASN A 461 -30.95 -7.21 -17.82
N LEU A 462 -30.66 -5.92 -17.93
CA LEU A 462 -29.68 -5.46 -18.90
C LEU A 462 -28.27 -5.72 -18.45
N SER A 463 -27.43 -6.11 -19.40
CA SER A 463 -26.00 -6.20 -19.17
C SER A 463 -25.54 -4.81 -18.76
N LYS A 464 -24.49 -4.75 -17.96
CA LYS A 464 -23.96 -3.48 -17.52
C LYS A 464 -23.60 -2.65 -18.75
N VAL A 465 -23.32 -3.35 -19.83
CA VAL A 465 -23.04 -2.70 -21.10
C VAL A 465 -24.27 -1.95 -21.64
N GLU A 466 -25.42 -2.63 -21.67
CA GLU A 466 -26.64 -2.04 -22.21
C GLU A 466 -27.30 -1.03 -21.24
N ARG A 467 -26.96 -1.14 -19.96
CA ARG A 467 -27.61 -0.36 -18.91
C ARG A 467 -27.01 1.03 -18.81
N ALA A 468 -25.74 1.14 -19.23
CA ALA A 468 -24.97 2.38 -19.18
C ALA A 468 -25.69 3.61 -19.76
N ASN A 469 -26.35 3.45 -20.90
CA ASN A 469 -27.04 4.57 -21.53
C ASN A 469 -28.51 4.34 -21.74
N ALA A 470 -29.08 3.39 -21.00
CA ALA A 470 -30.46 2.99 -21.23
C ALA A 470 -31.43 4.16 -21.13
N CYS A 471 -31.56 4.72 -19.92
CA CYS A 471 -32.52 5.80 -19.66
C CYS A 471 -32.31 7.00 -20.58
N ASN A 472 -31.08 7.22 -20.98
CA ASN A 472 -30.76 8.31 -21.86
C ASN A 472 -31.28 8.04 -23.28
N SER A 473 -31.23 6.78 -23.69
CA SER A 473 -31.75 6.32 -24.96
C SER A 473 -33.23 6.65 -25.08
N VAL A 474 -33.95 6.34 -24.02
CA VAL A 474 -35.38 6.57 -23.95
C VAL A 474 -35.70 8.05 -24.17
N ILE A 475 -34.92 8.94 -23.58
CA ILE A 475 -35.14 10.37 -23.71
C ILE A 475 -34.81 10.86 -25.13
N ARG A 476 -33.72 10.32 -25.68
CA ARG A 476 -33.28 10.65 -27.03
C ARG A 476 -34.27 10.17 -28.07
N GLN A 477 -35.34 9.52 -27.62
CA GLN A 477 -36.37 9.04 -28.53
C GLN A 477 -37.50 10.05 -28.62
N LEU A 478 -37.55 10.96 -27.66
CA LEU A 478 -38.64 11.93 -27.63
C LEU A 478 -38.39 13.11 -28.56
N MET A 479 -37.11 13.39 -28.84
CA MET A 479 -36.76 14.58 -29.58
C MET A 479 -35.52 14.33 -30.42
N LYS A 480 -35.64 14.61 -31.72
CA LYS A 480 -34.49 14.65 -32.62
C LYS A 480 -33.65 15.89 -32.37
N LYS A 481 -32.37 15.68 -32.06
CA LYS A 481 -31.41 16.77 -31.94
C LYS A 481 -31.05 17.24 -33.34
N GLU A 482 -31.33 18.49 -33.64
CA GLU A 482 -31.13 18.99 -35.00
C GLU A 482 -29.78 19.69 -35.13
N PHE A 483 -29.39 20.42 -34.09
CA PHE A 483 -28.02 20.90 -34.03
C PHE A 483 -27.65 21.39 -32.64
N THR A 484 -26.38 21.70 -32.48
CA THR A 484 -25.84 22.15 -31.21
C THR A 484 -25.20 23.54 -31.34
N LEU A 485 -25.48 24.43 -30.40
CA LEU A 485 -24.73 25.67 -30.29
C LEU A 485 -23.61 25.48 -29.26
N GLU A 486 -22.46 25.02 -29.75
CA GLU A 486 -21.23 24.87 -28.96
C GLU A 486 -20.95 25.98 -27.94
N PHE A 487 -20.44 25.58 -26.79
CA PHE A 487 -19.87 26.48 -25.81
C PHE A 487 -19.10 27.62 -26.47
N SER A 488 -18.93 28.70 -25.74
CA SER A 488 -18.11 29.81 -26.17
C SER A 488 -17.76 30.62 -24.93
N ARG A 489 -16.52 31.10 -24.84
CA ARG A 489 -16.05 31.74 -23.61
C ARG A 489 -16.80 33.01 -23.26
N ASP A 490 -17.57 33.55 -24.21
CA ASP A 490 -18.27 34.81 -23.99
C ASP A 490 -19.53 34.64 -23.14
N ARG A 491 -20.27 33.55 -23.37
CA ARG A 491 -21.54 33.35 -22.69
C ARG A 491 -21.49 32.18 -21.71
N LYS A 492 -20.49 31.33 -21.87
CA LYS A 492 -20.29 30.17 -21.00
C LYS A 492 -21.56 29.33 -20.86
N SER A 493 -22.01 28.78 -21.98
CA SER A 493 -23.17 27.91 -22.01
C SER A 493 -23.28 27.23 -23.37
N MET A 494 -24.21 26.30 -23.47
CA MET A 494 -24.44 25.64 -24.73
C MET A 494 -25.88 25.21 -24.80
N SER A 495 -26.30 24.79 -25.97
CA SER A 495 -27.68 24.43 -26.15
C SER A 495 -27.79 23.59 -27.39
N VAL A 496 -28.92 22.91 -27.53
CA VAL A 496 -29.16 22.04 -28.65
C VAL A 496 -30.55 22.38 -29.16
N TYR A 497 -30.70 22.43 -30.48
CA TYR A 497 -32.01 22.67 -31.10
C TYR A 497 -32.68 21.32 -31.36
N CYS A 498 -33.89 21.15 -30.84
CA CYS A 498 -34.55 19.85 -30.91
C CYS A 498 -35.96 19.93 -31.51
N SER A 499 -36.21 19.14 -32.54
CA SER A 499 -37.57 19.02 -33.06
C SER A 499 -38.19 17.75 -32.51
N PRO A 500 -39.50 17.75 -32.25
CA PRO A 500 -40.15 16.58 -31.67
C PRO A 500 -40.16 15.43 -32.66
N ALA A 501 -39.97 14.21 -32.18
CA ALA A 501 -39.59 13.08 -33.03
C ALA A 501 -40.74 12.36 -33.75
N LYS A 502 -41.82 12.06 -33.03
CA LYS A 502 -42.81 11.12 -33.56
C LYS A 502 -44.17 11.71 -33.94
N SER A 503 -44.30 13.03 -33.88
CA SER A 503 -45.58 13.69 -34.16
C SER A 503 -46.66 13.22 -33.18
N SER A 504 -46.23 12.55 -32.10
CA SER A 504 -47.13 12.12 -31.05
C SER A 504 -46.79 12.85 -29.75
N ARG A 505 -47.75 13.60 -29.22
CA ARG A 505 -47.57 14.46 -28.05
C ARG A 505 -46.65 15.65 -28.32
N ALA A 506 -46.27 15.81 -29.59
CA ALA A 506 -45.46 16.95 -30.02
C ALA A 506 -46.33 18.17 -30.26
N ALA A 507 -46.08 19.24 -29.52
CA ALA A 507 -46.83 20.48 -29.70
C ALA A 507 -46.17 21.33 -30.78
N VAL A 508 -45.38 20.67 -31.62
CA VAL A 508 -44.63 21.33 -32.69
C VAL A 508 -43.49 22.18 -32.13
N GLY A 509 -43.42 22.26 -30.81
CA GLY A 509 -42.33 22.97 -30.18
C GLY A 509 -41.00 22.42 -30.66
N ASN A 510 -40.20 23.27 -31.31
CA ASN A 510 -38.84 22.91 -31.66
C ASN A 510 -37.90 23.43 -30.60
N LYS A 511 -38.16 23.03 -29.37
CA LYS A 511 -37.40 23.48 -28.21
C LYS A 511 -35.87 23.60 -28.38
N MET A 512 -35.29 24.54 -27.65
CA MET A 512 -33.85 24.57 -27.42
C MET A 512 -33.54 24.27 -25.97
N PHE A 513 -32.66 23.31 -25.71
CA PHE A 513 -32.29 22.98 -24.33
C PHE A 513 -30.92 23.50 -23.98
N VAL A 514 -30.85 24.19 -22.85
CA VAL A 514 -29.72 25.08 -22.55
C VAL A 514 -29.03 24.78 -21.21
N LYS A 515 -27.71 24.90 -21.17
CA LYS A 515 -27.00 24.73 -19.92
C LYS A 515 -25.74 25.57 -19.84
N GLY A 516 -25.46 26.13 -18.69
CA GLY A 516 -24.23 26.87 -18.50
C GLY A 516 -24.11 27.50 -17.15
N ALA A 517 -23.05 28.28 -16.97
CA ALA A 517 -22.85 29.04 -15.75
C ALA A 517 -24.14 29.74 -15.37
N PRO A 518 -24.58 29.53 -14.12
CA PRO A 518 -25.89 29.96 -13.60
C PRO A 518 -26.34 31.40 -13.93
N GLU A 519 -25.61 32.43 -13.51
CA GLU A 519 -26.14 33.78 -13.71
C GLU A 519 -26.10 34.27 -15.15
N GLY A 520 -25.14 33.76 -15.93
CA GLY A 520 -25.21 33.98 -17.35
C GLY A 520 -26.54 33.46 -17.87
N VAL A 521 -26.87 32.24 -17.49
CA VAL A 521 -28.11 31.62 -17.97
C VAL A 521 -29.36 32.30 -17.42
N ILE A 522 -29.44 32.43 -16.10
CA ILE A 522 -30.57 33.08 -15.45
C ILE A 522 -30.90 34.50 -15.95
N ASP A 523 -29.88 35.31 -16.19
CA ASP A 523 -30.10 36.64 -16.74
C ASP A 523 -30.82 36.64 -18.10
N ARG A 524 -30.77 35.52 -18.81
CA ARG A 524 -31.48 35.43 -20.09
C ARG A 524 -32.81 34.66 -19.94
N CYS A 525 -33.30 34.54 -18.72
CA CYS A 525 -34.59 33.90 -18.48
C CYS A 525 -35.68 34.93 -18.18
N ASN A 526 -36.85 34.74 -18.77
CA ASN A 526 -38.01 35.57 -18.42
C ASN A 526 -39.05 34.81 -17.63
N TYR A 527 -39.07 33.50 -17.82
CA TYR A 527 -40.05 32.69 -17.13
C TYR A 527 -39.31 31.69 -16.25
N VAL A 528 -40.05 31.02 -15.37
CA VAL A 528 -39.53 29.85 -14.67
C VAL A 528 -40.57 28.73 -14.72
N ARG A 529 -40.10 27.50 -14.82
CA ARG A 529 -41.00 26.37 -14.87
C ARG A 529 -41.39 25.96 -13.47
N VAL A 530 -42.66 25.58 -13.32
CA VAL A 530 -43.19 25.05 -12.09
C VAL A 530 -44.01 23.85 -12.50
N GLY A 531 -43.38 22.69 -12.52
CA GLY A 531 -44.01 21.49 -13.03
C GLY A 531 -44.05 21.58 -14.54
N THR A 532 -45.25 21.62 -15.12
CA THR A 532 -45.37 21.79 -16.55
C THR A 532 -45.79 23.22 -16.88
N THR A 533 -46.20 23.97 -15.86
CA THR A 533 -46.57 25.37 -16.05
C THR A 533 -45.35 26.31 -16.06
N ARG A 534 -45.57 27.49 -16.60
CA ARG A 534 -44.53 28.50 -16.73
C ARG A 534 -45.05 29.79 -16.11
N VAL A 535 -44.19 30.54 -15.43
CA VAL A 535 -44.56 31.83 -14.87
C VAL A 535 -43.43 32.82 -15.06
N PRO A 536 -43.74 34.12 -15.00
CA PRO A 536 -42.77 35.22 -15.14
C PRO A 536 -41.68 35.16 -14.09
N MET A 537 -40.47 35.58 -14.48
CA MET A 537 -39.33 35.59 -13.58
C MET A 537 -39.36 36.84 -12.71
N THR A 538 -40.16 36.79 -11.65
CA THR A 538 -40.20 37.86 -10.66
C THR A 538 -38.82 37.99 -9.99
N GLY A 539 -38.63 39.06 -9.22
CA GLY A 539 -37.36 39.34 -8.58
C GLY A 539 -37.03 38.43 -7.40
N PRO A 540 -37.99 38.24 -6.49
CA PRO A 540 -37.77 37.33 -5.35
C PRO A 540 -37.48 35.89 -5.80
N VAL A 541 -37.97 35.49 -6.97
CA VAL A 541 -37.63 34.20 -7.53
C VAL A 541 -36.14 34.20 -7.85
N LYS A 542 -35.73 35.15 -8.68
CA LYS A 542 -34.32 35.30 -9.03
C LYS A 542 -33.45 35.35 -7.78
N GLU A 543 -33.96 35.92 -6.71
CA GLU A 543 -33.18 36.03 -5.48
C GLU A 543 -33.13 34.68 -4.76
N LYS A 544 -34.21 33.91 -4.90
CA LYS A 544 -34.32 32.60 -4.27
C LYS A 544 -33.41 31.58 -4.96
N ILE A 545 -33.54 31.49 -6.28
CA ILE A 545 -32.67 30.63 -7.07
C ILE A 545 -31.19 30.93 -6.71
N LEU A 546 -30.78 32.18 -6.94
CA LEU A 546 -29.39 32.59 -6.77
C LEU A 546 -28.81 32.40 -5.36
N SER A 547 -29.65 32.58 -4.34
CA SER A 547 -29.18 32.41 -2.97
C SER A 547 -28.74 30.96 -2.70
N VAL A 548 -29.50 30.02 -3.24
CA VAL A 548 -29.21 28.60 -3.07
C VAL A 548 -27.98 28.20 -3.87
N ILE A 549 -27.86 28.76 -5.08
CA ILE A 549 -26.72 28.53 -5.94
C ILE A 549 -25.41 28.97 -5.28
N LYS A 550 -25.43 30.13 -4.64
CA LYS A 550 -24.27 30.63 -3.92
C LYS A 550 -23.94 29.71 -2.72
N GLU A 551 -24.97 29.20 -2.05
CA GLU A 551 -24.78 28.20 -1.00
C GLU A 551 -24.02 26.98 -1.50
N TRP A 552 -24.63 26.29 -2.46
CA TRP A 552 -24.00 25.13 -3.10
C TRP A 552 -22.59 25.41 -3.60
N GLY A 553 -22.29 26.67 -3.89
CA GLY A 553 -21.04 27.01 -4.53
C GLY A 553 -19.92 27.20 -3.55
N THR A 554 -20.29 27.17 -2.27
CA THR A 554 -19.41 27.58 -1.17
C THR A 554 -19.58 26.69 0.06
N GLY A 555 -18.69 26.88 1.03
CA GLY A 555 -18.86 26.26 2.34
C GLY A 555 -18.79 24.76 2.33
N ARG A 556 -19.62 24.15 3.17
CA ARG A 556 -19.72 22.69 3.37
C ARG A 556 -19.73 21.86 2.09
N ASP A 557 -20.50 22.30 1.11
CA ASP A 557 -20.47 21.67 -0.18
C ASP A 557 -20.01 22.72 -1.15
N THR A 558 -18.86 22.49 -1.73
CA THR A 558 -18.30 23.44 -2.66
C THR A 558 -18.44 22.76 -4.01
N LEU A 559 -19.66 22.82 -4.53
CA LEU A 559 -20.03 22.14 -5.76
C LEU A 559 -19.83 23.04 -6.98
N ARG A 560 -19.50 22.42 -8.12
CA ARG A 560 -19.63 23.10 -9.40
C ARG A 560 -21.11 23.06 -9.83
N CYS A 561 -21.72 24.24 -9.94
CA CYS A 561 -23.14 24.34 -10.25
C CYS A 561 -23.42 24.71 -11.71
N LEU A 562 -24.59 24.30 -12.21
CA LEU A 562 -24.94 24.48 -13.61
C LEU A 562 -26.43 24.78 -13.78
N ALA A 563 -26.77 25.91 -14.39
CA ALA A 563 -28.17 26.25 -14.59
C ALA A 563 -28.73 25.62 -15.86
N LEU A 564 -29.97 25.13 -15.78
CA LEU A 564 -30.62 24.47 -16.91
C LEU A 564 -31.92 25.20 -17.28
N ALA A 565 -32.08 25.45 -18.58
CA ALA A 565 -33.27 26.15 -19.10
C ALA A 565 -33.65 25.63 -20.47
N THR A 566 -34.84 26.01 -20.92
CA THR A 566 -35.25 25.77 -22.31
C THR A 566 -35.84 27.04 -22.90
N ARG A 567 -35.70 27.20 -24.21
CA ARG A 567 -36.40 28.26 -24.94
C ARG A 567 -37.67 27.60 -25.44
N ASP A 568 -38.81 27.95 -24.82
CA ASP A 568 -40.05 27.27 -25.15
C ASP A 568 -40.47 27.51 -26.58
N THR A 569 -40.09 28.68 -27.09
CA THR A 569 -40.43 29.11 -28.43
C THR A 569 -39.19 29.61 -29.12
N PRO A 570 -38.40 28.67 -29.66
CA PRO A 570 -37.14 28.92 -30.37
C PRO A 570 -37.40 29.58 -31.73
N PRO A 571 -36.39 30.27 -32.28
CA PRO A 571 -36.52 30.78 -33.65
C PRO A 571 -36.68 29.64 -34.63
N LYS A 572 -36.80 29.95 -35.92
CA LYS A 572 -36.83 28.92 -36.95
C LYS A 572 -35.39 28.58 -37.36
N ARG A 573 -35.17 27.38 -37.88
CA ARG A 573 -33.85 26.99 -38.33
C ARG A 573 -33.32 27.95 -39.41
N GLU A 574 -34.23 28.38 -40.26
CA GLU A 574 -33.92 29.27 -41.38
C GLU A 574 -33.23 30.56 -40.92
N GLU A 575 -33.81 31.19 -39.90
CA GLU A 575 -33.33 32.49 -39.43
C GLU A 575 -32.13 32.39 -38.50
N MET A 576 -31.61 31.18 -38.31
CA MET A 576 -30.45 30.99 -37.46
C MET A 576 -29.24 30.51 -38.24
N VAL A 577 -28.12 31.19 -38.01
CA VAL A 577 -26.86 30.95 -38.71
C VAL A 577 -25.82 30.41 -37.72
N LEU A 578 -25.06 29.39 -38.13
CA LEU A 578 -24.19 28.67 -37.19
C LEU A 578 -22.70 29.01 -37.24
N ASP A 579 -22.18 29.44 -38.37
CA ASP A 579 -20.73 29.58 -38.52
C ASP A 579 -20.12 30.69 -37.64
N ASP A 580 -20.94 31.38 -36.88
CA ASP A 580 -20.45 32.44 -35.99
C ASP A 580 -20.98 32.28 -34.56
N SER A 581 -20.11 31.82 -33.67
CA SER A 581 -20.48 31.56 -32.28
C SER A 581 -20.91 32.80 -31.49
N SER A 582 -20.79 33.98 -32.10
CA SER A 582 -21.14 35.21 -31.42
C SER A 582 -22.64 35.48 -31.51
N ARG A 583 -23.29 34.78 -32.43
CA ARG A 583 -24.74 34.85 -32.56
C ARG A 583 -25.40 34.12 -31.39
N PHE A 584 -24.71 33.10 -30.90
CA PHE A 584 -25.33 32.13 -30.00
C PHE A 584 -25.90 32.73 -28.74
N MET A 585 -25.15 33.62 -28.10
CA MET A 585 -25.64 34.22 -26.88
C MET A 585 -27.07 34.73 -27.06
N GLU A 586 -27.35 35.29 -28.22
CA GLU A 586 -28.64 35.90 -28.49
C GLU A 586 -29.72 34.87 -28.76
N TYR A 587 -29.36 33.79 -29.45
CA TYR A 587 -30.32 32.72 -29.71
C TYR A 587 -30.85 32.16 -28.40
N GLU A 588 -29.96 32.09 -27.40
CA GLU A 588 -30.32 31.60 -26.07
C GLU A 588 -30.80 32.71 -25.16
N THR A 589 -32.01 33.19 -25.40
CA THR A 589 -32.60 34.24 -24.57
C THR A 589 -34.10 34.02 -24.54
N ASP A 590 -34.78 34.76 -23.68
CA ASP A 590 -36.22 34.58 -23.53
C ASP A 590 -36.48 33.17 -23.00
N LEU A 591 -35.67 32.74 -22.04
CA LEU A 591 -35.67 31.35 -21.62
C LEU A 591 -36.54 31.08 -20.39
N THR A 592 -36.82 29.81 -20.17
CA THR A 592 -37.54 29.34 -19.00
C THR A 592 -36.58 28.61 -18.07
N PHE A 593 -36.35 29.17 -16.90
CA PHE A 593 -35.49 28.52 -15.94
C PHE A 593 -36.11 27.20 -15.48
N VAL A 594 -35.35 26.11 -15.57
CA VAL A 594 -35.83 24.79 -15.15
C VAL A 594 -35.27 24.38 -13.78
N GLY A 595 -33.96 24.25 -13.69
CA GLY A 595 -33.33 23.89 -12.42
C GLY A 595 -31.83 24.04 -12.42
N VAL A 596 -31.20 23.55 -11.36
CA VAL A 596 -29.75 23.59 -11.22
C VAL A 596 -29.20 22.25 -10.76
N VAL A 597 -27.97 21.95 -11.17
CA VAL A 597 -27.28 20.74 -10.69
C VAL A 597 -25.95 21.08 -10.01
N GLY A 598 -25.72 20.50 -8.85
CA GLY A 598 -24.44 20.60 -8.17
C GLY A 598 -23.62 19.32 -8.29
N MET A 599 -22.34 19.47 -8.64
CA MET A 599 -21.46 18.30 -8.79
C MET A 599 -20.05 18.54 -8.25
N LEU A 600 -19.39 17.48 -7.82
CA LEU A 600 -17.96 17.52 -7.52
C LEU A 600 -17.28 16.18 -7.78
N ASP A 601 -15.96 16.22 -7.82
CA ASP A 601 -15.13 15.02 -7.66
C ASP A 601 -15.20 14.66 -6.18
N PRO A 602 -15.94 13.59 -5.84
CA PRO A 602 -16.24 13.40 -4.42
C PRO A 602 -15.17 12.60 -3.71
N PRO A 603 -15.13 12.72 -2.39
CA PRO A 603 -14.30 11.84 -1.57
C PRO A 603 -14.75 10.39 -1.74
N ARG A 604 -13.82 9.45 -1.62
CA ARG A 604 -14.17 8.04 -1.53
C ARG A 604 -14.85 7.85 -0.18
N LYS A 605 -15.82 6.94 -0.11
CA LYS A 605 -16.66 6.91 1.10
C LYS A 605 -15.90 6.50 2.37
N GLU A 606 -15.02 5.52 2.23
CA GLU A 606 -14.25 5.02 3.36
C GLU A 606 -13.29 6.05 3.97
N VAL A 607 -12.71 6.90 3.11
CA VAL A 607 -11.70 7.87 3.50
C VAL A 607 -11.92 8.56 4.85
N MET A 608 -13.03 9.25 5.00
CA MET A 608 -13.24 10.04 6.21
C MET A 608 -13.10 9.22 7.50
N GLY A 609 -13.67 8.04 7.53
CA GLY A 609 -13.56 7.19 8.70
C GLY A 609 -12.10 6.81 8.92
N SER A 610 -11.53 6.17 7.91
CA SER A 610 -10.12 5.83 7.88
C SER A 610 -9.24 6.92 8.48
N ILE A 611 -9.48 8.15 8.06
CA ILE A 611 -8.68 9.27 8.55
C ILE A 611 -8.87 9.49 10.06
N GLN A 612 -10.06 9.19 10.57
CA GLN A 612 -10.28 9.34 11.99
C GLN A 612 -9.59 8.19 12.75
N LEU A 613 -9.83 6.97 12.28
CA LEU A 613 -9.15 5.81 12.81
C LEU A 613 -7.65 6.05 12.93
N CYS A 614 -7.02 6.52 11.85
CA CYS A 614 -5.60 6.85 11.88
C CYS A 614 -5.29 7.80 13.01
N ARG A 615 -6.05 8.89 13.06
CA ARG A 615 -5.82 9.91 14.06
C ARG A 615 -5.89 9.30 15.46
N ASP A 616 -6.76 8.31 15.62
CA ASP A 616 -6.93 7.67 16.92
C ASP A 616 -5.74 6.76 17.24
N ALA A 617 -4.97 6.44 16.20
CA ALA A 617 -3.80 5.58 16.35
C ALA A 617 -2.51 6.39 16.36
N GLY A 618 -2.63 7.72 16.49
CA GLY A 618 -1.47 8.60 16.57
C GLY A 618 -0.79 8.95 15.26
N ILE A 619 -1.48 8.73 14.14
CA ILE A 619 -0.90 8.97 12.82
C ILE A 619 -1.48 10.22 12.16
N ARG A 620 -0.61 11.11 11.68
CA ARG A 620 -1.04 12.26 10.91
C ARG A 620 -1.35 11.86 9.47
N VAL A 621 -2.30 12.56 8.86
CA VAL A 621 -2.49 12.44 7.42
C VAL A 621 -2.26 13.82 6.78
N ILE A 622 -1.50 13.86 5.69
CA ILE A 622 -1.19 15.10 4.98
C ILE A 622 -1.67 14.96 3.55
N MET A 623 -2.36 15.96 3.02
CA MET A 623 -2.72 15.93 1.61
C MET A 623 -1.64 16.64 0.78
N ILE A 624 -1.11 15.95 -0.21
CA ILE A 624 -0.28 16.61 -1.22
C ILE A 624 -0.90 16.43 -2.59
N THR A 625 -1.30 17.55 -3.21
CA THR A 625 -2.02 17.52 -4.47
C THR A 625 -1.53 18.55 -5.47
N GLY A 626 -1.52 18.19 -6.74
CA GLY A 626 -1.17 19.12 -7.79
C GLY A 626 -2.37 19.98 -8.14
N ASP A 627 -3.53 19.57 -7.63
CA ASP A 627 -4.76 20.29 -7.90
C ASP A 627 -4.73 21.63 -7.18
N ASN A 628 -5.67 22.50 -7.50
CA ASN A 628 -5.65 23.86 -6.95
C ASN A 628 -5.96 23.89 -5.46
N LYS A 629 -5.51 24.96 -4.80
CA LYS A 629 -5.66 25.13 -3.36
C LYS A 629 -7.11 25.07 -2.85
N GLY A 630 -8.01 25.76 -3.53
CA GLY A 630 -9.40 25.82 -3.10
C GLY A 630 -10.04 24.45 -3.02
N THR A 631 -9.88 23.69 -4.10
CA THR A 631 -10.44 22.33 -4.13
C THR A 631 -9.73 21.46 -3.11
N ALA A 632 -8.43 21.68 -2.96
CA ALA A 632 -7.65 20.95 -1.98
C ALA A 632 -8.20 21.12 -0.57
N ILE A 633 -8.49 22.34 -0.17
CA ILE A 633 -8.97 22.58 1.18
C ILE A 633 -10.40 22.09 1.32
N ALA A 634 -11.26 22.50 0.40
CA ALA A 634 -12.63 22.00 0.39
C ALA A 634 -12.64 20.51 0.71
N ILE A 635 -11.83 19.76 -0.02
CA ILE A 635 -11.75 18.31 0.18
C ILE A 635 -11.15 17.90 1.53
N CYS A 636 -10.11 18.59 1.98
CA CYS A 636 -9.58 18.40 3.34
C CYS A 636 -10.66 18.59 4.39
N ARG A 637 -11.54 19.55 4.17
CA ARG A 637 -12.60 19.79 5.13
C ARG A 637 -13.62 18.64 5.11
N ARG A 638 -14.13 18.30 3.93
CA ARG A 638 -15.11 17.21 3.83
C ARG A 638 -14.65 15.93 4.53
N ILE A 639 -13.37 15.60 4.39
CA ILE A 639 -12.85 14.35 4.93
C ILE A 639 -12.29 14.44 6.35
N GLY A 640 -12.14 15.64 6.88
CA GLY A 640 -11.79 15.81 8.28
C GLY A 640 -10.34 16.19 8.59
N ILE A 641 -9.50 16.26 7.57
CA ILE A 641 -8.15 16.77 7.76
C ILE A 641 -8.21 18.12 8.44
N PHE A 642 -9.12 18.97 7.96
CA PHE A 642 -9.47 20.23 8.62
C PHE A 642 -10.93 20.16 9.06
N GLY A 643 -11.30 20.97 10.05
CA GLY A 643 -12.67 20.99 10.52
C GLY A 643 -13.57 22.02 9.86
N GLU A 644 -14.89 21.80 9.99
CA GLU A 644 -15.93 22.72 9.51
C GLU A 644 -15.40 24.11 9.19
N ASN A 645 -15.16 24.89 10.23
CA ASN A 645 -14.70 26.25 10.05
C ASN A 645 -13.35 26.50 10.71
N GLU A 646 -12.50 25.50 10.69
CA GLU A 646 -11.16 25.63 11.25
C GLU A 646 -10.31 26.60 10.42
N GLU A 647 -9.45 27.37 11.08
CA GLU A 647 -8.57 28.29 10.37
C GLU A 647 -7.34 27.57 9.83
N VAL A 648 -7.12 27.65 8.52
CA VAL A 648 -5.95 27.03 7.89
C VAL A 648 -4.89 28.04 7.49
N ALA A 649 -4.63 28.99 8.39
CA ALA A 649 -3.69 30.07 8.13
C ALA A 649 -2.39 29.56 7.52
N ASP A 650 -1.43 29.25 8.39
CA ASP A 650 -0.12 28.78 7.96
C ASP A 650 -0.13 27.27 7.85
N ARG A 651 -1.32 26.70 7.64
CA ARG A 651 -1.46 25.26 7.57
C ARG A 651 -1.74 24.70 6.18
N ALA A 652 -1.82 25.58 5.19
CA ALA A 652 -1.96 25.15 3.79
C ALA A 652 -1.08 25.98 2.87
N TYR A 653 -0.35 25.29 2.00
CA TYR A 653 0.63 25.93 1.12
C TYR A 653 0.47 25.48 -0.32
N THR A 654 0.66 26.40 -1.25
CA THR A 654 0.78 26.05 -2.66
C THR A 654 2.24 25.71 -2.94
N GLY A 655 2.52 25.30 -4.17
CA GLY A 655 3.89 25.07 -4.59
C GLY A 655 4.70 26.35 -4.55
N ARG A 656 4.16 27.40 -5.16
CA ARG A 656 4.83 28.69 -5.20
C ARG A 656 5.18 29.14 -3.77
N GLU A 657 4.16 29.24 -2.92
CA GLU A 657 4.36 29.64 -1.52
C GLU A 657 5.49 28.87 -0.85
N PHE A 658 5.43 27.54 -0.91
CA PHE A 658 6.44 26.66 -0.33
C PHE A 658 7.83 26.98 -0.87
N ASP A 659 7.94 27.01 -2.19
CA ASP A 659 9.21 27.29 -2.84
C ASP A 659 9.77 28.65 -2.44
N ASP A 660 8.90 29.62 -2.21
CA ASP A 660 9.32 30.93 -1.75
C ASP A 660 9.95 30.88 -0.36
N LEU A 661 9.51 29.95 0.49
CA LEU A 661 10.09 29.78 1.82
C LEU A 661 11.57 29.40 1.76
N PRO A 662 12.33 29.79 2.79
CA PRO A 662 13.72 29.36 2.93
C PRO A 662 13.76 27.91 3.43
N LEU A 663 14.74 27.15 2.97
CA LEU A 663 14.80 25.72 3.28
C LEU A 663 14.52 25.39 4.74
N ALA A 664 15.00 26.24 5.65
CA ALA A 664 14.85 26.00 7.08
C ALA A 664 13.37 26.00 7.45
N GLU A 665 12.64 26.94 6.84
CA GLU A 665 11.23 27.11 7.08
C GLU A 665 10.40 26.07 6.32
N GLN A 666 10.95 25.58 5.22
CA GLN A 666 10.25 24.57 4.44
C GLN A 666 10.08 23.34 5.29
N ARG A 667 11.20 22.85 5.81
CA ARG A 667 11.23 21.72 6.73
C ARG A 667 10.29 21.95 7.91
N GLU A 668 10.30 23.18 8.42
CA GLU A 668 9.40 23.58 9.50
C GLU A 668 7.93 23.46 9.11
N ALA A 669 7.59 23.93 7.91
CA ALA A 669 6.22 23.90 7.42
C ALA A 669 5.67 22.47 7.27
N CYS A 670 6.53 21.52 6.93
CA CYS A 670 6.10 20.13 6.80
C CYS A 670 5.72 19.54 8.14
N ARG A 671 6.15 20.22 9.22
CA ARG A 671 5.81 19.77 10.56
C ARG A 671 4.40 20.21 10.97
N ARG A 672 4.02 21.44 10.61
CA ARG A 672 2.71 21.96 11.02
C ARG A 672 1.63 21.76 9.97
N ALA A 673 2.01 21.91 8.71
CA ALA A 673 1.05 22.01 7.61
C ALA A 673 0.49 20.65 7.24
N CYS A 674 -0.69 20.63 6.63
CA CYS A 674 -1.31 19.37 6.24
C CYS A 674 -2.03 19.44 4.89
N CYS A 675 -1.80 20.54 4.17
CA CYS A 675 -2.35 20.67 2.83
C CYS A 675 -1.39 21.42 1.92
N PHE A 676 -0.89 20.70 0.94
CA PHE A 676 -0.01 21.26 -0.07
C PHE A 676 -0.70 21.08 -1.40
N ALA A 677 -0.93 22.20 -2.09
CA ALA A 677 -1.70 22.18 -3.32
C ALA A 677 -0.86 22.78 -4.43
N ARG A 678 -1.20 22.45 -5.67
CA ARG A 678 -0.48 22.99 -6.80
C ARG A 678 0.99 22.62 -6.75
N VAL A 679 1.30 21.43 -6.26
CA VAL A 679 2.71 21.03 -6.15
C VAL A 679 3.16 20.18 -7.33
N GLU A 680 4.45 20.24 -7.63
CA GLU A 680 5.06 19.38 -8.63
C GLU A 680 5.44 18.00 -8.05
N PRO A 681 5.69 17.01 -8.92
CA PRO A 681 6.00 15.68 -8.39
C PRO A 681 7.20 15.76 -7.45
N SER A 682 8.09 16.69 -7.75
CA SER A 682 9.29 16.89 -6.95
C SER A 682 8.96 17.31 -5.51
N HIS A 683 8.07 18.27 -5.37
CA HIS A 683 7.59 18.69 -4.06
C HIS A 683 7.10 17.48 -3.28
N LYS A 684 6.26 16.67 -3.92
CA LYS A 684 5.68 15.55 -3.21
C LYS A 684 6.77 14.79 -2.49
N SER A 685 7.89 14.57 -3.18
CA SER A 685 9.02 13.85 -2.60
C SER A 685 9.72 14.66 -1.52
N LYS A 686 10.06 15.90 -1.86
CA LYS A 686 10.82 16.76 -0.98
C LYS A 686 10.18 16.83 0.40
N ILE A 687 8.85 16.88 0.40
CA ILE A 687 8.07 16.92 1.62
C ILE A 687 8.20 15.65 2.45
N VAL A 688 8.19 14.49 1.79
CA VAL A 688 8.43 13.22 2.47
C VAL A 688 9.82 13.18 3.08
N GLU A 689 10.81 13.50 2.26
CA GLU A 689 12.19 13.67 2.70
C GLU A 689 12.25 14.51 3.98
N TYR A 690 11.52 15.64 3.99
CA TYR A 690 11.50 16.53 5.16
C TYR A 690 10.94 15.86 6.41
N LEU A 691 9.97 14.99 6.23
CA LEU A 691 9.36 14.31 7.36
C LEU A 691 10.30 13.21 7.85
N GLN A 692 11.03 12.60 6.92
CA GLN A 692 11.96 11.55 7.27
C GLN A 692 13.18 12.15 7.99
N SER A 693 13.36 13.45 7.85
CA SER A 693 14.48 14.15 8.50
C SER A 693 14.16 14.50 9.96
N TYR A 694 12.96 14.14 10.40
CA TYR A 694 12.63 14.19 11.82
C TYR A 694 12.58 12.75 12.32
N ASP A 695 13.41 11.91 11.74
CA ASP A 695 13.43 10.49 12.11
C ASP A 695 12.03 9.91 12.09
N GLU A 696 11.16 10.44 11.24
CA GLU A 696 9.77 10.01 11.16
C GLU A 696 9.53 9.01 10.04
N ILE A 697 8.85 7.90 10.36
CA ILE A 697 8.54 6.88 9.35
C ILE A 697 7.25 7.18 8.60
N THR A 698 7.39 7.56 7.34
CA THR A 698 6.25 8.02 6.55
C THR A 698 5.83 7.12 5.37
N ALA A 699 4.52 7.08 5.14
CA ALA A 699 3.94 6.40 4.00
C ALA A 699 3.50 7.40 2.94
N MET A 700 3.30 6.92 1.72
CA MET A 700 2.75 7.73 0.64
C MET A 700 1.65 6.95 -0.06
N THR A 701 0.58 7.66 -0.42
CA THR A 701 -0.58 7.07 -1.09
C THR A 701 -0.90 7.89 -2.33
N GLY A 702 -0.98 7.24 -3.47
CA GLY A 702 -1.22 7.97 -4.72
C GLY A 702 -1.70 7.13 -5.89
N ASP A 703 -1.96 7.77 -7.02
CA ASP A 703 -2.49 7.08 -8.18
C ASP A 703 -1.80 7.49 -9.49
N GLY A 704 -1.40 8.76 -9.58
CA GLY A 704 -0.91 9.30 -10.84
C GLY A 704 0.59 9.26 -10.97
N VAL A 705 1.10 9.59 -12.15
CA VAL A 705 2.53 9.51 -12.36
C VAL A 705 3.28 10.58 -11.53
N ASN A 706 2.55 11.56 -11.03
CA ASN A 706 3.14 12.63 -10.22
C ASN A 706 3.39 12.21 -8.76
N ASP A 707 2.80 11.08 -8.38
CA ASP A 707 3.01 10.53 -7.03
C ASP A 707 4.19 9.58 -7.01
N ALA A 708 4.65 9.18 -8.19
CA ALA A 708 5.65 8.12 -8.33
C ALA A 708 6.90 8.33 -7.47
N PRO A 709 7.59 9.46 -7.68
CA PRO A 709 8.81 9.71 -6.90
C PRO A 709 8.54 9.73 -5.40
N ALA A 710 7.53 10.46 -4.97
CA ALA A 710 7.16 10.46 -3.55
C ALA A 710 6.82 9.05 -3.04
N LEU A 711 6.26 8.20 -3.90
CA LEU A 711 5.90 6.83 -3.54
C LEU A 711 7.11 5.93 -3.36
N LYS A 712 8.13 6.13 -4.18
CA LYS A 712 9.41 5.41 -4.08
C LYS A 712 10.19 5.86 -2.85
N LYS A 713 9.99 7.12 -2.45
CA LYS A 713 10.73 7.74 -1.36
C LYS A 713 10.26 7.33 0.04
N ALA A 714 8.95 7.25 0.22
CA ALA A 714 8.36 6.85 1.48
C ALA A 714 8.87 5.48 1.93
N GLU A 715 8.74 5.21 3.23
CA GLU A 715 9.04 3.88 3.74
C GLU A 715 8.06 2.83 3.20
N ILE A 716 6.86 3.28 2.84
CA ILE A 716 5.89 2.49 2.07
C ILE A 716 5.19 3.40 1.10
N GLY A 717 5.12 2.98 -0.16
CA GLY A 717 4.25 3.63 -1.12
C GLY A 717 3.03 2.75 -1.33
N ILE A 718 1.84 3.31 -1.08
CA ILE A 718 0.60 2.63 -1.41
C ILE A 718 -0.01 3.23 -2.68
N ALA A 719 -0.36 2.36 -3.63
CA ALA A 719 -0.91 2.80 -4.91
C ALA A 719 -2.35 2.29 -5.10
N MET A 720 -3.22 3.12 -5.67
CA MET A 720 -4.60 2.69 -5.96
C MET A 720 -4.55 1.76 -7.15
N GLY A 721 -5.43 0.77 -7.16
CA GLY A 721 -5.49 -0.21 -8.22
C GLY A 721 -5.80 0.36 -9.60
N SER A 722 -6.57 1.43 -9.64
CA SER A 722 -6.96 2.07 -10.90
C SER A 722 -6.00 3.17 -11.27
N GLY A 723 -4.86 3.21 -10.57
CA GLY A 723 -3.87 4.25 -10.76
C GLY A 723 -3.01 3.96 -11.96
N THR A 724 -2.09 4.86 -12.27
CA THR A 724 -1.19 4.66 -13.39
C THR A 724 -0.24 3.50 -13.13
N ALA A 725 0.41 3.06 -14.20
CA ALA A 725 1.26 1.89 -14.13
C ALA A 725 2.55 2.24 -13.42
N VAL A 726 2.97 3.50 -13.51
CA VAL A 726 4.18 3.95 -12.84
C VAL A 726 3.99 3.93 -11.33
N ALA A 727 2.89 4.51 -10.86
CA ALA A 727 2.64 4.63 -9.44
C ALA A 727 2.67 3.26 -8.79
N LYS A 728 2.17 2.24 -9.49
CA LYS A 728 2.16 0.88 -8.97
C LYS A 728 3.56 0.29 -8.80
N THR A 729 4.42 0.44 -9.81
CA THR A 729 5.74 -0.16 -9.76
C THR A 729 6.67 0.57 -8.80
N ALA A 730 6.27 1.76 -8.37
CA ALA A 730 7.05 2.52 -7.39
C ALA A 730 6.57 2.25 -5.96
N SER A 731 5.38 1.67 -5.86
CA SER A 731 4.81 1.38 -4.56
C SER A 731 5.19 -0.02 -4.09
N GLU A 732 5.00 -0.26 -2.80
CA GLU A 732 5.30 -1.55 -2.23
C GLU A 732 4.00 -2.24 -1.85
N MET A 733 2.94 -1.45 -1.70
CA MET A 733 1.59 -1.97 -1.51
C MET A 733 0.69 -1.44 -2.60
N VAL A 734 -0.35 -2.21 -2.94
CA VAL A 734 -1.33 -1.82 -3.96
C VAL A 734 -2.73 -2.26 -3.56
N LEU A 735 -3.60 -1.29 -3.30
CA LEU A 735 -5.00 -1.56 -2.99
C LEU A 735 -5.80 -1.87 -4.27
N ALA A 736 -5.88 -3.15 -4.62
CA ALA A 736 -6.59 -3.62 -5.80
C ALA A 736 -8.02 -3.07 -5.97
N ASP A 737 -8.69 -2.78 -4.85
CA ASP A 737 -10.06 -2.26 -4.91
C ASP A 737 -10.23 -0.81 -4.45
N ASP A 738 -9.10 -0.13 -4.28
CA ASP A 738 -9.10 1.29 -3.90
C ASP A 738 -9.70 1.54 -2.51
N ASN A 739 -9.93 0.49 -1.73
CA ASN A 739 -10.50 0.65 -0.40
C ASN A 739 -9.53 1.25 0.61
N PHE A 740 -9.65 2.55 0.84
CA PHE A 740 -8.76 3.30 1.72
C PHE A 740 -8.69 2.79 3.17
N SER A 741 -9.64 1.92 3.56
CA SER A 741 -9.70 1.43 4.93
C SER A 741 -8.81 0.21 5.14
N THR A 742 -8.42 -0.40 4.04
CA THR A 742 -7.41 -1.45 4.07
C THR A 742 -6.16 -0.87 4.72
N ILE A 743 -5.85 0.38 4.40
CA ILE A 743 -4.68 1.06 4.95
C ILE A 743 -4.75 1.05 6.46
N VAL A 744 -5.92 1.32 6.99
CA VAL A 744 -6.11 1.35 8.43
C VAL A 744 -6.06 -0.08 8.98
N ALA A 745 -6.24 -1.06 8.09
CA ALA A 745 -6.25 -2.45 8.49
C ALA A 745 -4.83 -3.04 8.32
N ALA A 746 -4.16 -2.62 7.24
CA ALA A 746 -2.85 -3.15 6.91
C ALA A 746 -1.87 -2.67 7.97
N VAL A 747 -2.29 -1.63 8.67
CA VAL A 747 -1.46 -1.02 9.68
C VAL A 747 -1.59 -1.82 10.97
N GLU A 748 -2.81 -1.88 11.48
CA GLU A 748 -3.01 -2.60 12.72
C GLU A 748 -2.58 -4.06 12.63
N GLU A 749 -2.67 -4.62 11.43
CA GLU A 749 -2.01 -5.86 11.08
C GLU A 749 -0.52 -5.75 11.42
N GLY A 750 0.16 -4.76 10.86
CA GLY A 750 1.59 -4.59 11.06
C GLY A 750 2.04 -4.21 12.46
N ARG A 751 1.09 -3.97 13.35
CA ARG A 751 1.43 -3.76 14.76
C ARG A 751 1.40 -5.13 15.44
N ALA A 752 0.45 -5.95 15.04
CA ALA A 752 0.34 -7.30 15.57
C ALA A 752 1.55 -8.14 15.16
N ILE A 753 1.97 -8.02 13.91
CA ILE A 753 3.12 -8.74 13.38
C ILE A 753 4.40 -8.43 14.16
N TYR A 754 4.64 -7.16 14.48
CA TYR A 754 5.79 -6.80 15.29
C TYR A 754 5.71 -7.42 16.67
N ASN A 755 4.58 -7.26 17.35
CA ASN A 755 4.44 -7.80 18.70
C ASN A 755 4.64 -9.32 18.79
N ASN A 756 4.07 -10.05 17.83
CA ASN A 756 4.25 -11.49 17.78
C ASN A 756 5.72 -11.87 17.60
N MET A 757 6.37 -11.21 16.64
CA MET A 757 7.80 -11.42 16.41
C MET A 757 8.58 -11.20 17.70
N LYS A 758 8.65 -9.95 18.12
CA LYS A 758 9.22 -9.56 19.41
C LYS A 758 8.95 -10.64 20.47
N GLN A 759 7.77 -11.27 20.39
CA GLN A 759 7.39 -12.28 21.37
C GLN A 759 8.06 -13.63 21.12
N PHE A 760 8.01 -14.12 19.89
CA PHE A 760 8.59 -15.42 19.60
C PHE A 760 10.11 -15.34 19.36
N ILE A 761 10.66 -14.15 19.46
CA ILE A 761 12.11 -14.01 19.45
C ILE A 761 12.62 -14.21 20.87
N ARG A 762 11.88 -13.70 21.84
CA ARG A 762 12.19 -13.88 23.25
C ARG A 762 12.10 -15.35 23.65
N TYR A 763 11.19 -16.08 23.02
CA TYR A 763 10.95 -17.48 23.35
C TYR A 763 12.01 -18.41 22.75
N LEU A 764 12.25 -18.29 21.45
CA LEU A 764 13.19 -19.15 20.78
C LEU A 764 14.62 -18.97 21.26
N ILE A 765 14.98 -17.75 21.65
CA ILE A 765 16.36 -17.44 21.97
C ILE A 765 16.72 -17.92 23.38
N SER A 766 15.77 -17.82 24.31
CA SER A 766 15.98 -18.31 25.66
C SER A 766 16.25 -19.81 25.63
N SER A 767 15.74 -20.46 24.58
CA SER A 767 16.01 -21.87 24.33
C SER A 767 17.50 -22.08 24.17
N ASN A 768 18.07 -21.46 23.14
CA ASN A 768 19.48 -21.59 22.86
C ASN A 768 20.38 -21.08 24.00
N VAL A 769 19.84 -20.23 24.86
CA VAL A 769 20.57 -19.75 26.03
C VAL A 769 20.59 -20.80 27.12
N GLY A 770 19.47 -21.51 27.24
CA GLY A 770 19.39 -22.64 28.13
C GLY A 770 20.30 -23.75 27.63
N GLU A 771 20.16 -24.08 26.35
CA GLU A 771 20.94 -25.15 25.74
C GLU A 771 22.44 -24.87 25.86
N VAL A 772 22.82 -23.60 25.72
CA VAL A 772 24.23 -23.24 25.84
C VAL A 772 24.69 -23.29 27.29
N VAL A 773 23.97 -22.61 28.18
CA VAL A 773 24.32 -22.63 29.60
C VAL A 773 24.49 -24.06 30.10
N CYS A 774 23.74 -25.00 29.54
CA CYS A 774 23.80 -26.40 29.95
C CYS A 774 25.08 -27.07 29.47
N ILE A 775 25.38 -26.94 28.18
CA ILE A 775 26.63 -27.45 27.63
C ILE A 775 27.83 -26.86 28.35
N PHE A 776 27.69 -25.63 28.86
CA PHE A 776 28.79 -25.01 29.57
C PHE A 776 28.92 -25.51 31.00
N LEU A 777 27.79 -25.69 31.70
CA LEU A 777 27.83 -26.25 33.04
C LEU A 777 28.45 -27.65 33.02
N THR A 778 28.08 -28.41 32.00
CA THR A 778 28.58 -29.77 31.83
C THR A 778 30.10 -29.82 31.73
N ALA A 779 30.69 -28.92 30.95
CA ALA A 779 32.14 -28.91 30.77
C ALA A 779 32.87 -28.35 32.00
N ALA A 780 32.28 -27.36 32.65
CA ALA A 780 32.91 -26.75 33.82
C ALA A 780 32.88 -27.64 35.06
N LEU A 781 31.86 -28.47 35.17
CA LEU A 781 31.70 -29.35 36.34
C LEU A 781 32.24 -30.73 36.05
N GLY A 782 32.27 -31.11 34.78
CA GLY A 782 32.84 -32.38 34.38
C GLY A 782 31.87 -33.54 34.53
N LEU A 783 30.62 -33.31 34.17
CA LEU A 783 29.61 -34.37 34.23
C LEU A 783 29.38 -34.91 32.84
N PRO A 784 28.71 -36.06 32.73
CA PRO A 784 28.43 -36.59 31.40
C PRO A 784 27.44 -35.69 30.66
N GLU A 785 27.48 -35.73 29.33
CA GLU A 785 26.50 -35.04 28.49
C GLU A 785 25.09 -35.22 29.07
N ALA A 786 24.36 -34.12 29.17
CA ALA A 786 22.94 -34.19 29.53
C ALA A 786 22.07 -34.15 28.26
N LEU A 787 22.56 -33.43 27.24
CA LEU A 787 21.89 -33.31 25.96
C LEU A 787 22.91 -33.31 24.83
N ILE A 788 22.59 -34.00 23.74
CA ILE A 788 23.52 -34.08 22.61
C ILE A 788 23.08 -33.19 21.44
N PRO A 789 24.05 -32.77 20.61
CA PRO A 789 23.84 -31.84 19.49
C PRO A 789 22.60 -32.13 18.66
N VAL A 790 22.28 -33.40 18.44
CA VAL A 790 21.12 -33.74 17.61
C VAL A 790 19.80 -33.59 18.36
N GLN A 791 19.74 -34.11 19.58
CA GLN A 791 18.58 -33.89 20.46
C GLN A 791 18.14 -32.43 20.44
N LEU A 792 19.09 -31.53 20.23
CA LEU A 792 18.81 -30.11 20.25
C LEU A 792 18.34 -29.58 18.90
N LEU A 793 19.01 -29.98 17.83
CA LEU A 793 18.58 -29.64 16.48
C LEU A 793 17.09 -29.91 16.34
N TRP A 794 16.64 -31.06 16.82
CA TRP A 794 15.23 -31.42 16.75
C TRP A 794 14.39 -30.52 17.66
N VAL A 795 14.83 -30.30 18.88
CA VAL A 795 14.08 -29.48 19.81
C VAL A 795 13.90 -28.07 19.26
N ASN A 796 15.01 -27.44 18.92
CA ASN A 796 15.00 -26.10 18.32
C ASN A 796 14.06 -25.98 17.13
N LEU A 797 14.30 -26.79 16.10
CA LEU A 797 13.54 -26.70 14.86
C LEU A 797 12.09 -27.15 14.99
N VAL A 798 11.86 -28.29 15.61
CA VAL A 798 10.52 -28.86 15.68
C VAL A 798 9.85 -28.56 17.02
N THR A 799 10.18 -29.33 18.05
CA THR A 799 9.56 -29.17 19.36
C THR A 799 9.24 -27.72 19.70
N ASP A 800 10.24 -26.85 19.57
CA ASP A 800 10.10 -25.44 19.90
C ASP A 800 9.47 -24.67 18.75
N GLY A 801 9.88 -24.99 17.53
CA GLY A 801 9.50 -24.26 16.34
C GLY A 801 8.02 -24.09 16.09
N LEU A 802 7.22 -25.07 16.50
CA LEU A 802 5.78 -25.01 16.27
C LEU A 802 5.09 -24.02 17.21
N PRO A 803 5.26 -24.19 18.53
CA PRO A 803 4.70 -23.22 19.47
C PRO A 803 5.18 -21.81 19.16
N ALA A 804 6.35 -21.69 18.55
CA ALA A 804 6.86 -20.40 18.14
C ALA A 804 5.99 -19.87 17.01
N THR A 805 5.75 -20.71 16.02
CA THR A 805 4.88 -20.37 14.89
C THR A 805 3.48 -19.97 15.36
N ALA A 806 2.91 -20.76 16.28
CA ALA A 806 1.58 -20.49 16.82
C ALA A 806 1.56 -19.32 17.79
N LEU A 807 2.69 -18.64 17.91
CA LEU A 807 2.71 -17.39 18.65
C LEU A 807 2.26 -16.28 17.70
N GLY A 808 2.40 -16.55 16.40
CA GLY A 808 1.93 -15.63 15.38
C GLY A 808 0.42 -15.57 15.30
N PHE A 809 -0.25 -16.15 16.28
CA PHE A 809 -1.71 -16.09 16.38
C PHE A 809 -2.14 -15.60 17.74
N ASN A 810 -1.20 -15.04 18.50
CA ASN A 810 -1.52 -14.42 19.77
C ASN A 810 -2.53 -13.32 19.52
N PRO A 811 -3.71 -13.41 20.13
CA PRO A 811 -4.77 -12.41 19.94
C PRO A 811 -4.23 -10.99 20.18
N PRO A 812 -4.42 -10.10 19.19
CA PRO A 812 -3.96 -8.71 19.30
C PRO A 812 -4.77 -7.97 20.35
N ASP A 813 -4.12 -7.17 21.20
CA ASP A 813 -4.85 -6.37 22.17
C ASP A 813 -5.76 -5.35 21.48
N LEU A 814 -6.78 -4.90 22.20
CA LEU A 814 -7.69 -3.93 21.62
C LEU A 814 -7.09 -2.54 21.82
N ASP A 815 -6.25 -2.41 22.84
CA ASP A 815 -5.56 -1.15 23.10
C ASP A 815 -4.54 -0.88 22.01
N ILE A 816 -4.38 -1.82 21.08
CA ILE A 816 -3.33 -1.73 20.08
C ILE A 816 -3.50 -0.52 19.16
N MET A 817 -4.75 -0.24 18.76
CA MET A 817 -5.04 0.89 17.90
C MET A 817 -5.34 2.13 18.72
N ASP A 818 -4.95 2.11 19.98
CA ASP A 818 -5.14 3.24 20.88
C ASP A 818 -3.79 3.87 21.22
N ARG A 819 -2.75 3.05 21.18
CA ARG A 819 -1.41 3.53 21.50
C ARG A 819 -0.87 4.27 20.29
N PRO A 820 0.10 5.18 20.50
CA PRO A 820 0.81 5.80 19.39
C PRO A 820 1.65 4.79 18.63
N PRO A 821 2.36 5.24 17.58
CA PRO A 821 3.35 4.37 16.92
C PRO A 821 4.63 4.26 17.75
N ARG A 822 5.20 3.06 17.85
CA ARG A 822 6.43 2.84 18.61
C ARG A 822 7.54 3.77 18.13
N SER A 823 8.47 4.11 19.03
CA SER A 823 9.56 5.02 18.70
C SER A 823 10.59 4.36 17.79
N PRO A 824 11.08 5.13 16.81
CA PRO A 824 11.98 4.66 15.74
C PRO A 824 13.26 4.04 16.28
N LYS A 825 13.85 4.68 17.27
CA LYS A 825 15.15 4.26 17.79
C LYS A 825 15.03 3.11 18.79
N GLU A 826 13.96 3.13 19.59
CA GLU A 826 13.65 2.04 20.51
C GLU A 826 13.88 0.68 19.85
N PRO A 827 14.84 -0.09 20.37
CA PRO A 827 15.30 -1.33 19.76
C PRO A 827 14.35 -2.50 19.97
N LEU A 828 14.60 -3.58 19.23
CA LEU A 828 13.76 -4.78 19.32
C LEU A 828 13.88 -5.39 20.70
N ILE A 829 15.11 -5.70 21.09
CA ILE A 829 15.38 -6.26 22.40
C ILE A 829 16.05 -5.21 23.31
N SER A 830 15.39 -4.89 24.42
CA SER A 830 15.94 -3.95 25.38
C SER A 830 16.84 -4.64 26.40
N GLY A 831 17.60 -3.84 27.15
CA GLY A 831 18.49 -4.38 28.16
C GLY A 831 17.75 -4.99 29.34
N TRP A 832 16.43 -4.97 29.29
CA TRP A 832 15.60 -5.63 30.29
C TRP A 832 15.12 -6.96 29.77
N LEU A 833 14.47 -6.94 28.62
CA LEU A 833 14.03 -8.16 27.95
C LEU A 833 15.21 -9.14 27.82
N PHE A 834 16.41 -8.58 27.75
CA PHE A 834 17.62 -9.39 27.67
C PHE A 834 17.81 -10.18 28.96
N PHE A 835 18.14 -9.44 30.01
CA PHE A 835 18.20 -10.01 31.34
C PHE A 835 17.02 -10.96 31.59
N ARG A 836 15.85 -10.57 31.11
CA ARG A 836 14.64 -11.31 31.36
C ARG A 836 14.66 -12.74 30.82
N TYR A 837 15.12 -12.92 29.59
CA TYR A 837 15.11 -14.25 29.00
C TYR A 837 16.42 -14.96 29.25
N MET A 838 17.39 -14.23 29.77
CA MET A 838 18.66 -14.82 30.16
C MET A 838 18.50 -15.46 31.54
N ALA A 839 17.57 -14.92 32.32
CA ALA A 839 17.18 -15.53 33.59
C ALA A 839 16.34 -16.79 33.32
N ILE A 840 15.62 -16.82 32.21
CA ILE A 840 14.91 -18.01 31.80
C ILE A 840 15.91 -19.00 31.25
N GLY A 841 16.77 -18.51 30.36
CA GLY A 841 17.82 -19.32 29.81
C GLY A 841 18.73 -19.84 30.91
N GLY A 842 18.89 -19.02 31.95
CA GLY A 842 19.68 -19.39 33.11
C GLY A 842 19.09 -20.60 33.79
N TYR A 843 17.91 -20.41 34.38
CA TYR A 843 17.18 -21.49 35.02
C TYR A 843 17.13 -22.73 34.13
N VAL A 844 16.67 -22.58 32.90
CA VAL A 844 16.61 -23.71 31.97
C VAL A 844 17.91 -24.49 32.00
N GLY A 845 19.02 -23.79 31.80
CA GLY A 845 20.33 -24.40 31.90
C GLY A 845 20.48 -25.26 33.15
N ALA A 846 20.47 -24.61 34.31
CA ALA A 846 20.57 -25.31 35.58
C ALA A 846 19.69 -26.55 35.63
N ALA A 847 18.39 -26.38 35.38
CA ALA A 847 17.40 -27.44 35.47
C ALA A 847 17.72 -28.72 34.69
N THR A 848 18.01 -28.59 33.40
CA THR A 848 18.28 -29.77 32.56
C THR A 848 19.46 -30.61 33.07
N VAL A 849 20.44 -29.92 33.66
CA VAL A 849 21.59 -30.55 34.27
C VAL A 849 21.15 -31.23 35.56
N GLY A 850 20.53 -30.45 36.46
CA GLY A 850 19.93 -30.99 37.65
C GLY A 850 19.23 -32.31 37.35
N ALA A 851 18.43 -32.31 36.28
CA ALA A 851 17.68 -33.50 35.88
C ALA A 851 18.59 -34.71 35.78
N ALA A 852 19.48 -34.72 34.79
CA ALA A 852 20.40 -35.83 34.59
C ALA A 852 21.19 -36.17 35.85
N ALA A 853 21.66 -35.14 36.55
CA ALA A 853 22.38 -35.33 37.80
C ALA A 853 21.52 -36.00 38.87
N TRP A 854 20.31 -35.50 39.09
CA TRP A 854 19.41 -36.07 40.09
C TRP A 854 19.19 -37.55 39.85
N TRP A 855 19.25 -37.96 38.59
CA TRP A 855 19.11 -39.38 38.30
C TRP A 855 20.33 -40.16 38.80
N PHE A 856 21.52 -39.72 38.38
CA PHE A 856 22.76 -40.35 38.79
C PHE A 856 22.89 -40.47 40.30
N MET A 857 22.36 -39.51 41.03
CA MET A 857 22.66 -39.42 42.45
C MET A 857 21.53 -39.75 43.41
N TYR A 858 20.28 -39.63 42.97
CA TYR A 858 19.15 -39.84 43.87
C TYR A 858 18.02 -40.70 43.31
N ALA A 859 17.84 -40.69 42.00
CA ALA A 859 16.80 -41.52 41.38
C ALA A 859 16.92 -42.97 41.82
N GLU A 860 15.81 -43.54 42.26
CA GLU A 860 15.74 -44.90 42.74
C GLU A 860 15.93 -45.93 41.62
N ASP A 861 15.76 -45.48 40.38
CA ASP A 861 15.88 -46.38 39.22
C ASP A 861 17.34 -46.55 38.82
N GLY A 862 18.18 -45.59 39.18
CA GLY A 862 19.58 -45.61 38.80
C GLY A 862 20.50 -45.44 39.99
N PRO A 863 21.58 -46.23 40.04
CA PRO A 863 22.48 -46.32 41.20
C PRO A 863 22.89 -44.95 41.67
N GLY A 864 22.81 -44.73 42.97
CA GLY A 864 23.09 -43.44 43.55
C GLY A 864 24.56 -43.22 43.80
N VAL A 865 25.26 -42.79 42.76
CA VAL A 865 26.68 -42.47 42.87
C VAL A 865 26.87 -41.19 43.66
N THR A 866 28.12 -40.91 44.02
CA THR A 866 28.43 -39.71 44.76
C THR A 866 28.81 -38.64 43.77
N TYR A 867 28.73 -37.39 44.21
CA TYR A 867 29.11 -36.28 43.35
C TYR A 867 30.53 -36.47 42.83
N HIS A 868 31.40 -37.07 43.64
CA HIS A 868 32.80 -37.29 43.27
C HIS A 868 32.96 -38.31 42.12
N GLN A 869 32.14 -39.35 42.13
CA GLN A 869 32.25 -40.34 41.08
C GLN A 869 31.77 -39.76 39.76
N LEU A 870 30.64 -39.07 39.81
CA LEU A 870 30.04 -38.41 38.65
C LEU A 870 31.01 -37.40 38.04
N THR A 871 31.68 -36.65 38.91
CA THR A 871 32.69 -35.68 38.50
C THR A 871 33.95 -36.30 37.89
N HIS A 872 34.20 -37.58 38.19
CA HIS A 872 35.41 -38.25 37.75
C HIS A 872 35.10 -39.54 37.00
N PHE A 873 33.91 -39.61 36.39
CA PHE A 873 33.45 -40.80 35.67
C PHE A 873 34.34 -41.18 34.48
N MET A 874 35.15 -40.23 34.02
CA MET A 874 36.06 -40.50 32.92
C MET A 874 37.19 -41.43 33.36
N GLN A 875 37.47 -41.45 34.66
CA GLN A 875 38.54 -42.25 35.24
C GLN A 875 38.04 -43.64 35.66
N CYS A 876 36.79 -43.92 35.35
CA CYS A 876 36.21 -45.22 35.65
C CYS A 876 36.84 -46.31 34.78
N THR A 877 37.05 -47.45 35.41
CA THR A 877 37.74 -48.57 34.81
C THR A 877 37.04 -49.82 35.31
N GLU A 878 37.26 -50.94 34.63
CA GLU A 878 36.83 -52.23 35.12
C GLU A 878 37.01 -52.35 36.63
N ASP A 879 35.92 -52.24 37.37
CA ASP A 879 35.94 -52.29 38.84
C ASP A 879 37.10 -51.53 39.51
N HIS A 880 37.25 -50.28 39.12
CA HIS A 880 38.11 -49.33 39.81
C HIS A 880 37.73 -49.31 41.28
N PRO A 881 38.73 -49.15 42.17
CA PRO A 881 38.50 -49.04 43.62
C PRO A 881 37.51 -47.93 43.96
N HIS A 882 37.51 -46.87 43.15
CA HIS A 882 36.70 -45.67 43.43
C HIS A 882 35.31 -45.73 42.80
N PHE A 883 35.11 -46.68 41.88
CA PHE A 883 33.81 -46.89 41.25
C PHE A 883 33.28 -48.28 41.56
N GLU A 884 33.12 -48.55 42.85
CA GLU A 884 32.75 -49.88 43.29
C GLU A 884 31.30 -50.19 42.97
N GLY A 885 31.09 -51.27 42.21
CA GLY A 885 29.75 -51.72 41.88
C GLY A 885 29.21 -51.13 40.59
N LEU A 886 29.84 -50.05 40.12
CA LEU A 886 29.35 -49.33 38.96
C LEU A 886 29.77 -50.01 37.67
N ASP A 887 28.95 -49.85 36.65
CA ASP A 887 29.33 -50.20 35.29
C ASP A 887 29.68 -48.90 34.58
N CYS A 888 30.90 -48.79 34.10
CA CYS A 888 31.35 -47.56 33.49
C CYS A 888 30.41 -47.15 32.36
N GLU A 889 29.71 -48.13 31.79
CA GLU A 889 28.75 -47.88 30.73
C GLU A 889 27.56 -47.11 31.26
N ILE A 890 27.38 -47.14 32.58
CA ILE A 890 26.23 -46.50 33.19
C ILE A 890 26.29 -44.98 33.06
N PHE A 891 27.46 -44.45 32.75
CA PHE A 891 27.63 -43.02 32.54
C PHE A 891 27.21 -42.66 31.13
N GLU A 892 26.61 -43.63 30.45
CA GLU A 892 26.03 -43.40 29.14
C GLU A 892 24.56 -43.82 29.12
N ALA A 893 24.05 -44.18 30.29
CA ALA A 893 22.64 -44.53 30.43
C ALA A 893 21.79 -43.50 29.71
N PRO A 894 20.78 -43.97 28.97
CA PRO A 894 19.83 -43.11 28.27
C PRO A 894 18.85 -42.44 29.22
N GLU A 895 18.78 -42.92 30.47
CA GLU A 895 17.85 -42.38 31.46
C GLU A 895 18.14 -40.95 31.89
N PRO A 896 19.41 -40.62 32.17
CA PRO A 896 19.67 -39.25 32.63
C PRO A 896 19.44 -38.29 31.48
N MET A 897 19.58 -38.80 30.25
CA MET A 897 19.47 -37.98 29.05
C MET A 897 18.01 -37.74 28.68
N THR A 898 17.23 -38.82 28.74
CA THR A 898 15.80 -38.70 28.56
C THR A 898 15.29 -37.77 29.64
N MET A 899 15.84 -37.93 30.84
CA MET A 899 15.46 -37.07 31.94
C MET A 899 15.78 -35.61 31.66
N ALA A 900 16.83 -35.37 30.87
CA ALA A 900 17.32 -34.01 30.64
C ALA A 900 16.57 -33.35 29.49
N LEU A 901 16.26 -34.15 28.47
CA LEU A 901 15.49 -33.66 27.34
C LEU A 901 14.09 -33.28 27.80
N SER A 902 13.42 -34.20 28.47
CA SER A 902 12.07 -33.94 28.96
C SER A 902 11.99 -32.65 29.75
N VAL A 903 12.99 -32.36 30.58
CA VAL A 903 12.95 -31.10 31.33
C VAL A 903 12.96 -29.88 30.41
N LEU A 904 13.77 -29.96 29.35
CA LEU A 904 13.80 -28.88 28.37
C LEU A 904 12.41 -28.68 27.81
N VAL A 905 12.03 -29.58 26.90
CA VAL A 905 10.67 -29.60 26.35
C VAL A 905 9.64 -29.10 27.34
N THR A 906 9.44 -29.80 28.43
CA THR A 906 8.42 -29.43 29.39
C THR A 906 8.58 -28.03 29.97
N ILE A 907 9.80 -27.48 29.89
CA ILE A 907 10.00 -26.08 30.28
C ILE A 907 9.73 -25.17 29.08
N GLU A 908 9.98 -25.65 27.88
CA GLU A 908 9.70 -24.86 26.71
C GLU A 908 8.21 -24.85 26.40
N MET A 909 7.57 -26.01 26.49
CA MET A 909 6.12 -26.06 26.38
C MET A 909 5.54 -25.20 27.49
N CYS A 910 6.15 -25.27 28.65
CA CYS A 910 5.69 -24.48 29.76
C CYS A 910 5.91 -23.00 29.48
N ASN A 911 7.14 -22.64 29.15
CA ASN A 911 7.53 -21.26 28.90
C ASN A 911 6.90 -20.69 27.63
N ALA A 912 6.35 -21.56 26.79
CA ALA A 912 5.59 -21.10 25.64
C ALA A 912 4.37 -20.32 26.13
N LEU A 913 3.72 -20.83 27.18
CA LEU A 913 2.59 -20.15 27.77
C LEU A 913 3.02 -18.80 28.32
N ASN A 914 4.18 -18.76 28.96
CA ASN A 914 4.72 -17.51 29.48
C ASN A 914 4.88 -16.50 28.35
N SER A 915 5.03 -17.02 27.13
CA SER A 915 5.21 -16.19 25.95
C SER A 915 3.88 -15.76 25.32
N LEU A 916 2.82 -15.78 26.13
CA LEU A 916 1.50 -15.35 25.68
C LEU A 916 1.38 -13.84 25.77
N SER A 917 1.95 -13.29 26.83
CA SER A 917 1.88 -11.86 27.07
C SER A 917 3.18 -11.38 27.68
N GLU A 918 3.68 -10.26 27.19
CA GLU A 918 4.93 -9.73 27.68
C GLU A 918 4.88 -9.48 29.19
N ASN A 919 3.71 -9.14 29.71
CA ASN A 919 3.60 -8.79 31.13
C ASN A 919 2.33 -9.27 31.84
N GLN A 920 1.33 -9.69 31.08
CA GLN A 920 0.07 -10.11 31.70
C GLN A 920 0.15 -11.53 32.23
N SER A 921 0.08 -11.65 33.55
CA SER A 921 0.12 -12.94 34.24
C SER A 921 -0.65 -14.02 33.48
N LEU A 922 -0.28 -15.27 33.67
CA LEU A 922 -1.01 -16.38 33.06
C LEU A 922 -2.39 -16.46 33.72
N MET A 923 -2.54 -15.73 34.82
CA MET A 923 -3.82 -15.58 35.48
C MET A 923 -4.75 -14.76 34.58
N ARG A 924 -4.40 -13.49 34.39
CA ARG A 924 -5.12 -12.59 33.49
C ARG A 924 -5.41 -13.29 32.17
N MET A 925 -4.46 -13.24 31.25
CA MET A 925 -4.55 -14.07 30.05
C MET A 925 -4.16 -15.50 30.41
N PRO A 926 -5.15 -16.39 30.46
CA PRO A 926 -4.96 -17.80 30.82
C PRO A 926 -4.38 -18.65 29.69
N PRO A 927 -3.83 -19.83 30.04
CA PRO A 927 -3.24 -20.80 29.12
C PRO A 927 -4.16 -21.08 27.94
N TRP A 928 -5.46 -20.95 28.18
CA TRP A 928 -6.48 -21.31 27.19
C TRP A 928 -6.88 -20.16 26.27
N VAL A 929 -6.32 -18.97 26.50
CA VAL A 929 -6.58 -17.82 25.64
C VAL A 929 -6.27 -18.16 24.19
N ASN A 930 -5.02 -18.53 23.92
CA ASN A 930 -4.63 -18.94 22.59
C ASN A 930 -4.88 -20.43 22.43
N ILE A 931 -5.58 -20.80 21.36
CA ILE A 931 -5.95 -22.18 21.14
C ILE A 931 -4.97 -22.85 20.20
N TRP A 932 -4.52 -22.11 19.18
CA TRP A 932 -3.55 -22.63 18.23
C TRP A 932 -2.19 -22.87 18.87
N LEU A 933 -2.04 -22.39 20.10
CA LEU A 933 -0.84 -22.67 20.89
C LEU A 933 -0.97 -24.03 21.53
N LEU A 934 -2.06 -24.24 22.25
CA LEU A 934 -2.33 -25.52 22.90
C LEU A 934 -2.27 -26.66 21.90
N GLY A 935 -2.64 -26.38 20.65
CA GLY A 935 -2.52 -27.35 19.59
C GLY A 935 -1.07 -27.75 19.38
N SER A 936 -0.19 -26.75 19.29
CA SER A 936 1.24 -27.02 19.17
C SER A 936 1.78 -27.77 20.40
N ILE A 937 1.52 -27.23 21.59
CA ILE A 937 1.95 -27.85 22.84
C ILE A 937 1.73 -29.36 22.84
N CYS A 938 0.52 -29.77 22.49
CA CYS A 938 0.15 -31.18 22.52
C CYS A 938 0.76 -31.96 21.37
N LEU A 939 0.93 -31.31 20.22
CA LEU A 939 1.55 -31.96 19.08
C LEU A 939 3.04 -32.18 19.36
N SER A 940 3.63 -31.25 20.10
CA SER A 940 5.02 -31.34 20.51
C SER A 940 5.22 -32.50 21.46
N MET A 941 4.49 -32.49 22.57
CA MET A 941 4.50 -33.58 23.50
C MET A 941 4.17 -34.87 22.78
N SER A 942 3.11 -34.86 21.97
CA SER A 942 2.74 -36.05 21.22
C SER A 942 3.94 -36.61 20.44
N LEU A 943 4.72 -35.72 19.83
CA LEU A 943 5.89 -36.13 19.07
C LEU A 943 7.06 -36.43 19.99
N HIS A 944 6.88 -36.12 21.27
CA HIS A 944 7.86 -36.46 22.29
C HIS A 944 7.67 -37.93 22.66
N PHE A 945 6.55 -38.24 23.30
CA PHE A 945 6.23 -39.61 23.69
C PHE A 945 6.38 -40.54 22.50
N LEU A 946 6.23 -39.99 21.30
CA LEU A 946 6.47 -40.77 20.10
C LEU A 946 7.92 -41.23 20.09
N ILE A 947 8.85 -40.28 20.16
CA ILE A 947 10.26 -40.62 20.11
C ILE A 947 10.68 -41.58 21.22
N LEU A 948 10.02 -41.48 22.37
CA LEU A 948 10.33 -42.36 23.49
C LEU A 948 9.87 -43.81 23.27
N TYR A 949 8.64 -43.96 22.78
CA TYR A 949 8.03 -45.29 22.69
C TYR A 949 8.07 -45.92 21.29
N VAL A 950 8.38 -45.13 20.27
CA VAL A 950 8.41 -45.64 18.91
C VAL A 950 9.73 -46.35 18.57
N ASP A 951 9.71 -47.67 18.67
CA ASP A 951 10.85 -48.53 18.38
C ASP A 951 12.13 -47.87 17.84
N PRO A 952 12.12 -47.48 16.54
CA PRO A 952 13.38 -47.03 15.92
C PRO A 952 13.94 -45.76 16.53
N LEU A 953 13.08 -44.97 17.17
CA LEU A 953 13.45 -43.65 17.65
C LEU A 953 14.34 -43.67 18.90
N PRO A 954 13.93 -44.41 19.95
CA PRO A 954 14.73 -44.48 21.17
C PRO A 954 16.21 -44.79 20.93
N MET A 955 16.49 -45.67 19.96
CA MET A 955 17.88 -46.04 19.66
C MET A 955 18.63 -44.91 18.98
N ILE A 956 18.02 -44.33 17.95
CA ILE A 956 18.68 -43.29 17.14
C ILE A 956 18.81 -41.98 17.90
N PHE A 957 17.99 -41.80 18.93
CA PHE A 957 18.06 -40.59 19.75
C PHE A 957 18.72 -40.86 21.11
N LYS A 958 19.10 -42.11 21.35
CA LYS A 958 19.71 -42.49 22.63
C LYS A 958 18.79 -42.19 23.79
N LEU A 959 17.62 -42.82 23.83
CA LEU A 959 16.65 -42.54 24.89
C LEU A 959 15.85 -43.76 25.33
N LYS A 960 15.09 -43.58 26.42
CA LYS A 960 14.30 -44.66 27.01
C LYS A 960 13.13 -44.08 27.82
N ALA A 961 11.94 -44.67 27.64
CA ALA A 961 10.74 -44.20 28.32
C ALA A 961 10.96 -43.79 29.78
N LEU A 962 10.20 -42.81 30.25
CA LEU A 962 10.28 -42.41 31.65
C LEU A 962 9.08 -42.93 32.42
N ASP A 963 9.30 -43.43 33.63
CA ASP A 963 8.20 -43.91 34.46
C ASP A 963 7.47 -42.73 35.09
N LEU A 964 6.36 -43.02 35.75
CA LEU A 964 5.54 -41.97 36.36
C LEU A 964 6.35 -41.07 37.27
N THR A 965 6.84 -41.61 38.38
CA THR A 965 7.55 -40.82 39.37
C THR A 965 8.64 -40.00 38.70
N GLN A 966 9.14 -40.50 37.56
CA GLN A 966 10.17 -39.81 36.81
C GLN A 966 9.60 -38.57 36.13
N TRP A 967 8.54 -38.76 35.33
CA TRP A 967 7.80 -37.64 34.76
C TRP A 967 7.36 -36.71 35.88
N LEU A 968 6.98 -37.30 37.00
CA LEU A 968 6.57 -36.54 38.16
C LEU A 968 7.67 -35.57 38.57
N MET A 969 8.92 -35.96 38.32
CA MET A 969 10.08 -35.12 38.63
C MET A 969 10.30 -34.11 37.51
N VAL A 970 10.19 -34.57 36.27
CA VAL A 970 10.30 -33.68 35.12
C VAL A 970 9.44 -32.43 35.33
N LEU A 971 8.22 -32.62 35.83
CA LEU A 971 7.30 -31.50 36.06
C LEU A 971 7.74 -30.65 37.23
N LYS A 972 8.09 -31.29 38.34
CA LYS A 972 8.50 -30.56 39.53
C LYS A 972 9.61 -29.58 39.19
N ILE A 973 10.43 -29.96 38.22
CA ILE A 973 11.55 -29.13 37.80
C ILE A 973 11.12 -28.02 36.84
N SER A 974 10.13 -28.32 35.99
CA SER A 974 9.76 -27.41 34.92
C SER A 974 8.76 -26.32 35.30
N LEU A 975 7.75 -26.68 36.10
CA LEU A 975 6.74 -25.71 36.51
C LEU A 975 7.31 -24.37 36.97
N PRO A 976 8.30 -24.40 37.88
CA PRO A 976 8.73 -23.15 38.48
C PRO A 976 9.21 -22.13 37.46
N VAL A 977 9.52 -22.55 36.24
CA VAL A 977 9.90 -21.61 35.19
C VAL A 977 8.77 -20.62 35.05
N ILE A 978 7.55 -21.10 35.28
CA ILE A 978 6.38 -20.24 35.34
C ILE A 978 6.50 -19.27 36.50
N GLY A 979 6.43 -19.78 37.72
CA GLY A 979 6.60 -18.97 38.90
C GLY A 979 7.76 -18.00 38.78
N LEU A 980 8.80 -18.41 38.06
CA LEU A 980 9.97 -17.55 37.85
C LEU A 980 9.63 -16.38 36.96
N ASP A 981 9.13 -16.70 35.77
CA ASP A 981 8.73 -15.69 34.80
C ASP A 981 7.66 -14.81 35.40
N GLU A 982 6.73 -15.44 36.12
CA GLU A 982 5.65 -14.72 36.77
C GLU A 982 6.21 -13.65 37.69
N ILE A 983 7.30 -13.99 38.37
CA ILE A 983 8.00 -13.06 39.25
C ILE A 983 8.63 -11.92 38.45
N LEU A 984 9.06 -12.22 37.24
CA LEU A 984 9.65 -11.20 36.38
C LEU A 984 8.59 -10.24 35.83
N LYS A 985 7.49 -10.80 35.35
CA LYS A 985 6.36 -10.00 34.85
C LYS A 985 5.88 -9.02 35.91
N PHE A 986 5.72 -9.49 37.15
CA PHE A 986 5.36 -8.63 38.27
C PHE A 986 6.35 -7.49 38.43
N ILE A 987 7.63 -7.83 38.38
CA ILE A 987 8.69 -6.83 38.50
C ILE A 987 8.48 -5.71 37.49
N ALA A 988 8.07 -6.08 36.28
CA ALA A 988 8.00 -5.14 35.17
C ALA A 988 6.64 -4.49 34.99
N ARG A 989 5.84 -4.43 36.05
CA ARG A 989 4.55 -3.76 35.96
C ARG A 989 4.20 -3.02 37.24
N ASN A 990 4.71 -3.51 38.37
CA ASN A 990 4.36 -2.93 39.66
C ASN A 990 5.48 -2.10 40.28
N TYR A 991 6.68 -2.26 39.74
CA TYR A 991 7.86 -1.61 40.33
C TYR A 991 8.55 -0.70 39.33
N LEU A 992 8.59 -1.13 38.07
CA LEU A 992 9.24 -0.38 37.01
C LEU A 992 8.35 0.77 36.51
N GLU A 993 7.42 0.43 35.63
CA GLU A 993 6.49 1.40 35.07
C GLU A 993 5.34 1.70 36.03
N GLY A 994 5.14 0.78 36.97
CA GLY A 994 4.16 0.93 38.05
C GLY A 994 3.13 2.05 37.93
#